data_6J3H
#
_entry.id   6J3H
#
_cell.length_a   225.684
_cell.length_b   48.397
_cell.length_c   150.553
_cell.angle_alpha   90.00
_cell.angle_beta   129.27
_cell.angle_gamma   90.00
#
_symmetry.space_group_name_H-M   'C 1 2 1'
#
loop_
_entity.id
_entity.type
_entity.pdbx_description
1 polymer 'Glutathione S-transferase'
2 non-polymer GLUTATHIONE
3 water water
#
_entity_poly.entity_id   1
_entity_poly.type   'polypeptide(L)'
_entity_poly.pdbx_seq_one_letter_code
;GLVPRGSHMIQQIHFYDIPRNRDEDDRTWNPNTSKTRLTLTYKRLPYKTIWVEYPDIERVCKEIGAEPSAFGLLKEGKPY
YSLPVIHDPNTGTTISDSIRIARYLDKTYPDTPAVIPAELEAFHAVFEDAFWDTIFMPLFPFLVPAACPQLNPRSEAYFR
ETREGKFGSILGGKMENWAPTGPVRDDRWKALQAGFTKMAGWLSADGQERPFFMGEKLCYTDIVVGAWLISVKKVFGSDH
PEWLQVEKWDGGRWSRLVQVVENF
;
_entity_poly.pdbx_strand_id   A,B,C,D
#
# COMPACT_ATOMS: atom_id res chain seq x y z
N GLY A 1 34.24 -14.48 -32.27
CA GLY A 1 34.67 -13.18 -31.75
C GLY A 1 33.89 -12.76 -30.51
N LEU A 2 34.12 -11.52 -30.06
CA LEU A 2 33.43 -10.96 -28.91
C LEU A 2 32.38 -9.95 -29.38
N VAL A 3 31.28 -9.89 -28.64
CA VAL A 3 30.13 -9.09 -29.03
C VAL A 3 29.60 -8.36 -27.79
N PRO A 4 29.07 -7.14 -27.92
CA PRO A 4 28.58 -6.43 -26.73
C PRO A 4 27.40 -7.14 -26.06
N ARG A 5 27.42 -7.16 -24.73
CA ARG A 5 26.23 -7.39 -23.92
C ARG A 5 25.50 -6.07 -23.80
N GLY A 6 24.16 -6.12 -23.83
CA GLY A 6 23.38 -4.92 -23.60
C GLY A 6 23.57 -4.36 -22.20
N SER A 7 23.88 -3.08 -22.09
CA SER A 7 24.05 -2.49 -20.76
C SER A 7 22.68 -2.30 -20.09
N HIS A 8 22.68 -2.35 -18.76
CA HIS A 8 21.46 -2.16 -17.98
C HIS A 8 21.59 -0.97 -17.01
N MET A 9 22.42 0.01 -17.33
CA MET A 9 22.56 1.15 -16.44
C MET A 9 21.29 1.99 -16.45
N ILE A 10 21.08 2.72 -15.35
CA ILE A 10 19.93 3.61 -15.25
C ILE A 10 20.06 4.69 -16.32
N GLN A 11 19.07 4.78 -17.19
CA GLN A 11 19.07 5.78 -18.24
C GLN A 11 18.70 7.14 -17.65
N GLN A 12 19.21 8.19 -18.29
CA GLN A 12 18.90 9.55 -17.82
C GLN A 12 17.39 9.80 -17.79
N ILE A 13 16.89 10.22 -16.63
CA ILE A 13 15.48 10.61 -16.54
C ILE A 13 15.29 11.93 -17.29
N HIS A 14 14.17 12.03 -18.02
CA HIS A 14 13.87 13.24 -18.78
C HIS A 14 13.17 14.21 -17.85
N PHE A 15 13.81 15.34 -17.55
CA PHE A 15 13.31 16.34 -16.60
C PHE A 15 12.93 17.59 -17.38
N TYR A 16 11.65 17.93 -17.37
CA TYR A 16 11.16 19.06 -18.14
C TYR A 16 11.16 20.31 -17.26
N ASP A 17 11.89 21.32 -17.68
CA ASP A 17 12.19 22.50 -16.88
C ASP A 17 11.90 23.73 -17.74
N ILE A 18 11.80 24.89 -17.07
CA ILE A 18 11.47 26.16 -17.71
C ILE A 18 12.73 27.01 -17.76
N PRO A 19 13.22 27.41 -18.93
CA PRO A 19 14.40 28.26 -19.00
C PRO A 19 14.08 29.71 -18.66
N ARG A 20 15.14 30.46 -18.39
CA ARG A 20 15.12 31.92 -18.45
C ARG A 20 16.15 32.36 -19.49
N ASN A 21 16.26 33.69 -19.70
CA ASN A 21 17.09 34.25 -20.76
C ASN A 21 18.55 34.33 -20.29
N ARG A 22 19.15 33.16 -20.14
CA ARG A 22 20.56 33.03 -19.81
C ARG A 22 21.13 31.80 -20.53
N ASP A 23 22.45 31.69 -20.54
CA ASP A 23 23.11 30.50 -21.10
C ASP A 23 22.78 29.29 -20.25
N GLU A 24 23.15 28.11 -20.77
CA GLU A 24 22.67 26.84 -20.24
C GLU A 24 22.88 26.69 -18.74
N ASP A 25 24.06 27.08 -18.25
CA ASP A 25 24.47 26.79 -16.88
C ASP A 25 23.82 27.70 -15.85
N ASP A 26 23.16 28.77 -16.30
CA ASP A 26 22.42 29.65 -15.42
C ASP A 26 20.96 29.70 -15.84
N ARG A 27 20.50 28.65 -16.52
CA ARG A 27 19.20 28.67 -17.16
C ARG A 27 18.06 28.22 -16.24
N THR A 28 18.35 27.40 -15.24
CA THR A 28 17.29 27.00 -14.32
C THR A 28 17.04 28.11 -13.28
N TRP A 29 15.83 28.14 -12.71
CA TRP A 29 15.44 29.22 -11.80
C TRP A 29 14.12 28.96 -11.09
N ASN A 30 13.27 28.13 -11.69
CA ASN A 30 11.87 28.06 -11.29
C ASN A 30 11.72 27.32 -9.95
N PRO A 31 10.87 27.82 -9.05
CA PRO A 31 10.74 27.18 -7.73
C PRO A 31 9.99 25.85 -7.74
N ASN A 32 9.00 25.68 -8.62
CA ASN A 32 8.29 24.42 -8.64
C ASN A 32 9.14 23.32 -9.29
N THR A 33 9.75 23.62 -10.43
CA THR A 33 10.61 22.60 -11.06
C THR A 33 11.82 22.27 -10.20
N SER A 34 12.28 23.25 -9.39
CA SER A 34 13.41 23.02 -8.48
C SER A 34 13.08 21.95 -7.44
N LYS A 35 11.81 21.86 -7.03
CA LYS A 35 11.42 20.78 -6.14
C LYS A 35 11.87 19.43 -6.69
N THR A 36 11.59 19.20 -7.98
CA THR A 36 11.90 17.91 -8.57
C THR A 36 13.38 17.80 -8.94
N ARG A 37 13.96 18.89 -9.45
CA ARG A 37 15.40 18.89 -9.72
C ARG A 37 16.19 18.51 -8.47
N LEU A 38 15.85 19.13 -7.32
CA LEU A 38 16.50 18.79 -6.07
C LEU A 38 16.21 17.37 -5.62
N THR A 39 14.98 16.89 -5.85
CA THR A 39 14.68 15.49 -5.54
C THR A 39 15.54 14.54 -6.38
N LEU A 40 15.81 14.91 -7.63
CA LEU A 40 16.64 14.03 -8.46
C LEU A 40 18.08 14.03 -7.97
N THR A 41 18.62 15.20 -7.63
CA THR A 41 20.03 15.25 -7.23
C THR A 41 20.24 14.74 -5.82
N TYR A 42 19.26 14.94 -4.92
CA TYR A 42 19.33 14.30 -3.61
C TYR A 42 19.37 12.78 -3.74
N LYS A 43 18.58 12.23 -4.66
CA LYS A 43 18.61 10.80 -4.87
C LYS A 43 19.79 10.36 -5.72
N ARG A 44 20.55 11.32 -6.27
CA ARG A 44 21.67 11.04 -7.16
C ARG A 44 21.24 10.21 -8.36
N LEU A 45 19.97 10.48 -8.87
CA LEU A 45 19.59 9.80 -10.09
C LEU A 45 20.05 10.60 -11.30
N PRO A 46 20.44 9.92 -12.39
CA PRO A 46 20.82 10.64 -13.61
C PRO A 46 19.60 11.25 -14.26
N TYR A 47 19.80 12.42 -14.87
CA TYR A 47 18.71 13.07 -15.56
C TYR A 47 19.29 14.06 -16.55
N LYS A 48 18.49 14.42 -17.52
CA LYS A 48 18.83 15.44 -18.49
C LYS A 48 17.67 16.41 -18.52
N THR A 49 17.97 17.66 -18.85
CA THR A 49 16.97 18.72 -18.79
C THR A 49 16.49 19.06 -20.19
N ILE A 50 15.17 19.04 -20.39
CA ILE A 50 14.54 19.53 -21.61
C ILE A 50 13.81 20.83 -21.31
N TRP A 51 14.16 21.89 -22.03
CA TRP A 51 13.62 23.22 -21.79
C TRP A 51 12.30 23.42 -22.51
N VAL A 52 11.31 23.96 -21.80
CA VAL A 52 9.98 24.24 -22.34
C VAL A 52 9.57 25.64 -21.87
N GLU A 53 9.23 26.50 -22.81
CA GLU A 53 8.69 27.82 -22.50
C GLU A 53 7.27 27.66 -21.95
N TYR A 54 6.89 28.59 -21.06
CA TYR A 54 5.55 28.57 -20.44
C TYR A 54 4.40 28.28 -21.40
N PRO A 55 4.24 28.94 -22.56
CA PRO A 55 3.06 28.68 -23.38
C PRO A 55 3.14 27.38 -24.17
N ASP A 56 4.24 26.66 -24.11
CA ASP A 56 4.38 25.38 -24.78
C ASP A 56 4.15 24.20 -23.86
N ILE A 57 3.98 24.46 -22.57
CA ILE A 57 3.93 23.39 -21.57
C ILE A 57 2.77 22.45 -21.82
N GLU A 58 1.61 23.02 -22.18
CA GLU A 58 0.42 22.19 -22.35
C GLU A 58 0.60 21.24 -23.53
N ARG A 59 1.07 21.77 -24.66
CA ARG A 59 1.33 20.93 -25.83
C ARG A 59 2.31 19.81 -25.51
N VAL A 60 3.41 20.13 -24.84
CA VAL A 60 4.41 19.10 -24.51
C VAL A 60 3.80 18.05 -23.60
N CYS A 61 3.05 18.48 -22.57
CA CYS A 61 2.42 17.54 -21.65
C CYS A 61 1.51 16.55 -22.40
N LYS A 62 0.67 17.07 -23.29
CA LYS A 62 -0.24 16.21 -24.04
C LYS A 62 0.54 15.29 -24.97
N GLU A 63 1.58 15.82 -25.60
CA GLU A 63 2.40 15.02 -26.51
C GLU A 63 3.05 13.84 -25.80
N ILE A 64 3.43 13.98 -24.53
CA ILE A 64 4.22 12.95 -23.87
C ILE A 64 3.41 12.17 -22.84
N GLY A 65 2.11 12.44 -22.74
CA GLY A 65 1.28 11.68 -21.81
C GLY A 65 1.31 12.14 -20.37
N ALA A 66 1.70 13.38 -20.12
CA ALA A 66 1.74 13.92 -18.76
C ALA A 66 0.37 14.44 -18.38
N GLU A 67 -0.20 13.93 -17.30
CA GLU A 67 -1.50 14.40 -16.86
C GLU A 67 -1.43 15.82 -16.29
N PRO A 68 -2.53 16.58 -16.34
CA PRO A 68 -2.54 17.91 -15.71
C PRO A 68 -2.42 17.81 -14.19
N SER A 69 -1.94 18.89 -13.58
CA SER A 69 -1.76 18.89 -12.12
C SER A 69 -2.94 19.46 -11.36
N ALA A 70 -3.82 20.22 -12.00
CA ALA A 70 -4.97 20.78 -11.30
C ALA A 70 -6.04 21.17 -12.33
N PHE A 71 -7.13 21.76 -11.83
CA PHE A 71 -8.24 22.19 -12.69
C PHE A 71 -8.63 23.62 -12.39
N GLY A 72 -8.70 24.45 -13.43
CA GLY A 72 -9.23 25.79 -13.28
C GLY A 72 -8.32 26.81 -12.63
N LEU A 73 -7.00 26.57 -12.61
CA LEU A 73 -6.09 27.51 -11.97
C LEU A 73 -5.83 28.76 -12.81
N LEU A 74 -6.14 28.72 -14.09
CA LEU A 74 -5.94 29.88 -14.97
C LEU A 74 -7.20 30.21 -15.76
N LYS A 75 -7.88 29.21 -16.30
CA LYS A 75 -9.19 29.38 -16.91
C LYS A 75 -10.17 28.48 -16.21
N GLU A 76 -11.42 28.97 -16.08
CA GLU A 76 -12.40 28.32 -15.22
C GLU A 76 -12.60 26.85 -15.60
N GLY A 77 -12.88 26.58 -16.86
CA GLY A 77 -13.15 25.22 -17.29
C GLY A 77 -11.98 24.43 -17.83
N LYS A 78 -10.74 24.90 -17.61
CA LYS A 78 -9.65 24.27 -18.33
C LYS A 78 -8.67 23.56 -17.40
N PRO A 79 -8.18 22.38 -17.80
CA PRO A 79 -7.15 21.72 -17.01
C PRO A 79 -5.86 22.53 -17.00
N TYR A 80 -5.17 22.49 -15.87
CA TYR A 80 -3.89 23.19 -15.68
C TYR A 80 -2.76 22.18 -15.89
N TYR A 81 -2.05 22.32 -17.00
CA TYR A 81 -0.88 21.53 -17.31
C TYR A 81 0.37 22.31 -16.90
N SER A 82 1.23 21.68 -16.08
CA SER A 82 2.35 22.39 -15.49
C SER A 82 3.60 21.53 -15.47
N LEU A 83 4.74 22.21 -15.34
CA LEU A 83 6.00 21.58 -14.98
C LEU A 83 6.24 21.79 -13.48
N PRO A 84 7.00 20.90 -12.82
CA PRO A 84 7.82 19.82 -13.39
C PRO A 84 7.04 18.62 -13.89
N VAL A 85 7.63 17.99 -14.91
CA VAL A 85 7.27 16.66 -15.39
C VAL A 85 8.57 15.91 -15.60
N ILE A 86 8.59 14.62 -15.23
CA ILE A 86 9.63 13.72 -15.68
C ILE A 86 8.98 12.65 -16.56
N HIS A 87 9.75 12.19 -17.55
CA HIS A 87 9.51 10.93 -18.23
C HIS A 87 10.70 10.02 -17.94
N ASP A 88 10.43 8.88 -17.30
CA ASP A 88 11.47 7.94 -16.95
C ASP A 88 11.54 6.86 -18.03
N PRO A 89 12.51 6.89 -18.96
CA PRO A 89 12.59 5.84 -19.98
C PRO A 89 12.96 4.48 -19.41
N ASN A 90 13.45 4.41 -18.17
CA ASN A 90 13.71 3.12 -17.57
C ASN A 90 12.42 2.32 -17.33
N THR A 91 11.27 2.99 -17.27
CA THR A 91 10.00 2.30 -17.07
C THR A 91 8.95 2.75 -18.07
N GLY A 92 9.28 3.67 -18.97
CA GLY A 92 8.27 4.22 -19.86
C GLY A 92 7.17 5.02 -19.19
N THR A 93 7.37 5.52 -17.97
CA THR A 93 6.32 6.20 -17.21
C THR A 93 6.55 7.71 -17.22
N THR A 94 5.48 8.47 -17.45
CA THR A 94 5.50 9.92 -17.37
C THR A 94 4.70 10.34 -16.16
N ILE A 95 5.24 11.27 -15.36
CA ILE A 95 4.64 11.69 -14.10
C ILE A 95 4.68 13.21 -14.00
N SER A 96 3.57 13.82 -13.58
CA SER A 96 3.53 15.26 -13.33
C SER A 96 3.20 15.53 -11.87
N ASP A 97 3.38 16.79 -11.50
CA ASP A 97 3.27 17.30 -10.13
C ASP A 97 4.45 16.86 -9.29
N SER A 98 5.25 17.83 -8.84
CA SER A 98 6.42 17.58 -8.01
C SER A 98 6.20 16.51 -6.93
N ILE A 99 5.02 16.50 -6.29
CA ILE A 99 4.77 15.54 -5.22
C ILE A 99 4.59 14.12 -5.80
N ARG A 100 3.79 13.99 -6.85
CA ARG A 100 3.63 12.67 -7.46
C ARG A 100 4.97 12.18 -8.00
N ILE A 101 5.81 13.10 -8.48
CA ILE A 101 7.14 12.73 -8.93
C ILE A 101 7.97 12.20 -7.77
N ALA A 102 7.88 12.86 -6.61
CA ALA A 102 8.60 12.37 -5.43
C ALA A 102 8.14 10.95 -5.05
N ARG A 103 6.83 10.70 -5.10
CA ARG A 103 6.30 9.37 -4.81
C ARG A 103 6.79 8.34 -5.83
N TYR A 104 6.79 8.72 -7.10
CA TYR A 104 7.26 7.78 -8.12
C TYR A 104 8.72 7.42 -7.89
N LEU A 105 9.55 8.42 -7.58
CA LEU A 105 10.99 8.16 -7.46
C LEU A 105 11.31 7.36 -6.20
N ASP A 106 10.60 7.62 -5.10
CA ASP A 106 10.75 6.82 -3.89
C ASP A 106 10.42 5.36 -4.18
N LYS A 107 9.32 5.14 -4.90
CA LYS A 107 8.80 3.80 -5.12
C LYS A 107 9.68 3.04 -6.11
N THR A 108 9.98 3.69 -7.25
CA THR A 108 10.71 3.07 -8.34
C THR A 108 12.16 2.84 -7.98
N TYR A 109 12.76 3.72 -7.17
CA TYR A 109 14.18 3.63 -6.82
C TYR A 109 14.30 3.49 -5.30
N PRO A 110 13.90 2.34 -4.75
CA PRO A 110 13.79 2.23 -3.29
C PRO A 110 15.12 2.22 -2.56
N ASP A 111 16.23 2.06 -3.28
CA ASP A 111 17.55 2.15 -2.63
C ASP A 111 18.06 3.59 -2.53
N THR A 112 17.37 4.54 -3.17
CA THR A 112 17.72 5.95 -2.97
C THR A 112 17.05 6.46 -1.69
N PRO A 113 17.64 7.47 -1.05
CA PRO A 113 17.08 7.96 0.22
C PRO A 113 15.62 8.40 0.08
N ALA A 114 14.76 7.84 0.93
CA ALA A 114 13.33 8.07 0.83
C ALA A 114 13.02 9.53 1.19
N VAL A 115 12.08 10.10 0.46
CA VAL A 115 11.83 11.53 0.54
C VAL A 115 10.40 11.80 0.99
N ILE A 116 9.49 10.88 0.69
CA ILE A 116 8.09 11.07 1.08
C ILE A 116 7.47 9.75 1.54
N PRO A 117 7.90 9.19 2.67
CA PRO A 117 7.25 7.99 3.18
C PRO A 117 5.78 8.25 3.54
N ALA A 118 5.03 7.15 3.62
CA ALA A 118 3.58 7.25 3.72
C ALA A 118 3.14 8.03 4.96
N GLU A 119 3.87 7.88 6.07
CA GLU A 119 3.54 8.50 7.34
C GLU A 119 3.73 10.01 7.33
N LEU A 120 4.24 10.57 6.22
CA LEU A 120 4.41 12.00 6.04
C LEU A 120 3.30 12.64 5.20
N GLU A 121 2.51 11.83 4.46
CA GLU A 121 1.67 12.38 3.39
C GLU A 121 0.67 13.41 3.90
N ALA A 122 -0.01 13.13 5.02
CA ALA A 122 -1.04 14.04 5.49
C ALA A 122 -0.44 15.29 6.13
N PHE A 123 0.62 15.12 6.91
CA PHE A 123 1.28 16.28 7.50
C PHE A 123 1.87 17.17 6.42
N HIS A 124 2.41 16.57 5.36
CA HIS A 124 3.00 17.39 4.31
C HIS A 124 1.94 18.15 3.53
N ALA A 125 0.77 17.55 3.33
CA ALA A 125 -0.30 18.29 2.67
C ALA A 125 -0.84 19.41 3.57
N VAL A 126 -0.82 19.22 4.90
CA VAL A 126 -1.08 20.34 5.80
C VAL A 126 -0.06 21.45 5.56
N PHE A 127 1.20 21.05 5.41
CA PHE A 127 2.27 22.04 5.24
C PHE A 127 2.08 22.84 3.96
N GLU A 128 1.68 22.20 2.86
CA GLU A 128 1.54 22.95 1.62
C GLU A 128 0.46 24.01 1.76
N ASP A 129 -0.60 23.73 2.54
CA ASP A 129 -1.64 24.74 2.75
C ASP A 129 -1.15 25.83 3.68
N ALA A 130 -0.47 25.47 4.77
CA ALA A 130 0.10 26.49 5.63
C ALA A 130 1.21 27.26 4.90
N PHE A 131 1.99 26.58 4.06
CA PHE A 131 3.05 27.25 3.31
C PHE A 131 2.47 28.20 2.27
N TRP A 132 1.38 27.79 1.62
CA TRP A 132 0.70 28.68 0.68
C TRP A 132 0.35 30.02 1.34
N ASP A 133 -0.19 29.98 2.56
CA ASP A 133 -0.67 31.21 3.18
C ASP A 133 0.46 32.05 3.72
N THR A 134 1.41 31.45 4.44
CA THR A 134 2.35 32.26 5.18
C THR A 134 3.64 32.55 4.43
N ILE A 135 3.99 31.76 3.40
CA ILE A 135 5.20 31.96 2.61
C ILE A 135 4.90 32.38 1.18
N PHE A 136 4.03 31.62 0.50
CA PHE A 136 3.88 31.80 -0.94
C PHE A 136 3.20 33.11 -1.29
N MET A 137 2.09 33.42 -0.66
CA MET A 137 1.41 34.69 -0.93
CA MET A 137 1.43 34.69 -0.96
C MET A 137 2.28 35.89 -0.60
N PRO A 138 2.96 35.96 0.56
CA PRO A 138 3.88 37.09 0.80
C PRO A 138 5.02 37.15 -0.19
N LEU A 139 5.49 35.98 -0.65
CA LEU A 139 6.66 35.93 -1.51
C LEU A 139 6.31 36.30 -2.95
N PHE A 140 5.09 36.00 -3.38
CA PHE A 140 4.63 36.24 -4.75
C PHE A 140 4.94 37.65 -5.27
N PRO A 141 4.62 38.75 -4.58
CA PRO A 141 4.89 40.09 -5.14
C PRO A 141 6.37 40.44 -5.18
N PHE A 142 7.26 39.61 -4.63
CA PHE A 142 8.69 39.79 -4.78
C PHE A 142 9.29 38.90 -5.88
N LEU A 143 8.95 37.61 -5.92
CA LEU A 143 9.62 36.70 -6.83
C LEU A 143 9.13 36.85 -8.27
N VAL A 144 7.82 36.95 -8.47
CA VAL A 144 7.23 37.03 -9.80
C VAL A 144 7.65 38.31 -10.52
N PRO A 145 7.57 39.50 -9.90
CA PRO A 145 8.05 40.69 -10.63
C PRO A 145 9.55 40.68 -10.93
N ALA A 146 10.35 39.92 -10.17
CA ALA A 146 11.78 39.88 -10.49
C ALA A 146 12.07 38.84 -11.57
N ALA A 147 11.41 37.69 -11.51
CA ALA A 147 11.61 36.63 -12.49
C ALA A 147 11.12 37.03 -13.88
N CYS A 148 10.01 37.76 -13.95
CA CYS A 148 9.33 37.98 -15.23
C CYS A 148 10.25 38.59 -16.30
N PRO A 149 10.98 39.67 -16.05
CA PRO A 149 11.85 40.21 -17.12
C PRO A 149 13.07 39.36 -17.40
N GLN A 150 13.31 38.28 -16.66
CA GLN A 150 14.44 37.40 -16.94
C GLN A 150 14.10 36.29 -17.93
N LEU A 151 12.84 36.17 -18.33
CA LEU A 151 12.39 35.08 -19.16
C LEU A 151 12.63 35.38 -20.63
N ASN A 152 12.59 34.34 -21.44
CA ASN A 152 12.62 34.56 -22.87
C ASN A 152 11.31 35.21 -23.30
N PRO A 153 11.35 36.09 -24.31
CA PRO A 153 10.15 36.87 -24.68
C PRO A 153 8.83 36.09 -24.76
N ARG A 154 8.84 34.88 -25.32
CA ARG A 154 7.60 34.11 -25.41
C ARG A 154 7.06 33.78 -24.02
N SER A 155 7.94 33.39 -23.10
CA SER A 155 7.51 33.11 -21.75
C SER A 155 7.22 34.40 -20.96
N GLU A 156 7.95 35.48 -21.27
CA GLU A 156 7.75 36.75 -20.56
C GLU A 156 6.33 37.24 -20.76
N ALA A 157 5.88 37.33 -22.02
CA ALA A 157 4.51 37.77 -22.31
C ALA A 157 3.49 36.87 -21.62
N TYR A 158 3.63 35.55 -21.77
CA TYR A 158 2.67 34.63 -21.15
C TYR A 158 2.70 34.76 -19.62
N PHE A 159 3.88 34.92 -19.03
CA PHE A 159 3.98 34.97 -17.58
C PHE A 159 3.37 36.27 -17.04
N ARG A 160 3.71 37.41 -17.66
CA ARG A 160 3.13 38.68 -17.24
C ARG A 160 1.61 38.66 -17.36
N GLU A 161 1.10 38.20 -18.51
CA GLU A 161 -0.35 38.22 -18.75
C GLU A 161 -1.10 37.37 -17.74
N THR A 162 -0.68 36.13 -17.55
CA THR A 162 -1.45 35.22 -16.72
C THR A 162 -1.33 35.56 -15.25
N ARG A 163 -0.15 35.98 -14.82
CA ARG A 163 0.00 36.28 -13.39
C ARG A 163 -0.65 37.61 -13.03
N GLU A 164 -0.49 38.63 -13.88
CA GLU A 164 -1.22 39.87 -13.65
C GLU A 164 -2.72 39.64 -13.76
N GLY A 165 -3.14 38.87 -14.77
CA GLY A 165 -4.57 38.59 -14.95
C GLY A 165 -5.21 37.83 -13.80
N LYS A 166 -4.42 37.04 -13.06
CA LYS A 166 -4.96 36.28 -11.93
C LYS A 166 -4.71 36.91 -10.56
N PHE A 167 -3.55 37.53 -10.33
CA PHE A 167 -3.21 38.05 -9.00
C PHE A 167 -3.09 39.56 -8.91
N GLY A 168 -2.94 40.26 -10.03
CA GLY A 168 -2.61 41.67 -9.96
C GLY A 168 -3.71 42.49 -9.33
N SER A 169 -4.95 42.03 -9.45
CA SER A 169 -6.06 42.82 -8.96
C SER A 169 -6.04 42.99 -7.44
N ILE A 170 -5.38 42.11 -6.70
CA ILE A 170 -5.30 42.24 -5.27
C ILE A 170 -3.89 42.61 -4.83
N LEU A 171 -3.05 43.04 -5.76
CA LEU A 171 -1.67 43.41 -5.47
C LEU A 171 -1.33 44.75 -6.09
N GLY A 172 -2.33 45.46 -6.63
CA GLY A 172 -2.13 46.81 -7.09
C GLY A 172 -2.12 47.03 -8.58
N GLY A 173 -2.46 46.02 -9.38
CA GLY A 173 -2.51 46.15 -10.84
C GLY A 173 -1.42 45.40 -11.59
N LYS A 174 -0.57 46.15 -12.28
CA LYS A 174 0.57 45.60 -12.98
C LYS A 174 1.73 45.36 -12.01
N MET A 175 2.69 44.55 -12.46
CA MET A 175 3.72 44.03 -11.57
C MET A 175 4.59 45.13 -10.97
N GLU A 176 4.83 46.21 -11.72
CA GLU A 176 5.58 47.35 -11.22
C GLU A 176 4.96 47.96 -9.97
N ASN A 177 3.67 47.73 -9.73
CA ASN A 177 2.94 48.32 -8.60
C ASN A 177 2.76 47.35 -7.45
N TRP A 178 3.28 46.11 -7.57
CA TRP A 178 3.09 45.11 -6.52
C TRP A 178 4.00 45.39 -5.33
N ALA A 179 5.25 45.74 -5.59
CA ALA A 179 6.13 46.09 -4.48
C ALA A 179 7.15 47.16 -4.90
N PRO A 180 6.71 48.36 -5.28
CA PRO A 180 7.69 49.37 -5.72
C PRO A 180 8.51 49.86 -4.55
N THR A 181 9.79 50.11 -4.81
CA THR A 181 10.70 50.69 -3.83
C THR A 181 10.02 51.83 -3.09
N GLY A 182 10.18 51.84 -1.77
CA GLY A 182 9.42 52.73 -0.92
C GLY A 182 8.59 51.97 0.08
N PRO A 183 7.61 52.66 0.69
CA PRO A 183 6.86 52.04 1.80
C PRO A 183 6.09 50.79 1.41
N VAL A 184 5.53 50.69 0.20
CA VAL A 184 4.80 49.49 -0.19
C VAL A 184 5.74 48.28 -0.17
N ARG A 185 6.87 48.40 -0.87
CA ARG A 185 7.82 47.29 -0.86
C ARG A 185 8.21 46.96 0.58
N ASP A 186 8.43 47.99 1.41
CA ASP A 186 8.85 47.76 2.78
C ASP A 186 7.78 47.06 3.62
N ASP A 187 6.51 47.42 3.45
CA ASP A 187 5.47 46.74 4.22
C ASP A 187 5.25 45.31 3.73
N ARG A 188 5.31 45.08 2.43
CA ARG A 188 5.27 43.70 1.94
C ARG A 188 6.50 42.92 2.39
N TRP A 189 7.66 43.56 2.48
CA TRP A 189 8.86 42.85 2.93
C TRP A 189 8.72 42.40 4.38
N LYS A 190 8.12 43.26 5.24
CA LYS A 190 7.83 42.89 6.62
C LYS A 190 6.87 41.71 6.71
N ALA A 191 5.83 41.69 5.88
CA ALA A 191 4.94 40.53 5.85
C ALA A 191 5.69 39.26 5.43
N LEU A 192 6.58 39.36 4.44
CA LEU A 192 7.35 38.17 4.04
C LEU A 192 8.28 37.72 5.16
N GLN A 193 8.94 38.70 5.81
CA GLN A 193 9.78 38.44 6.97
C GLN A 193 9.05 37.64 8.05
N ALA A 194 7.85 38.10 8.42
CA ALA A 194 7.09 37.49 9.49
C ALA A 194 6.60 36.10 9.11
N GLY A 195 6.25 35.92 7.83
CA GLY A 195 5.94 34.58 7.33
C GLY A 195 7.06 33.60 7.60
N PHE A 196 8.29 33.97 7.23
CA PHE A 196 9.41 33.06 7.45
C PHE A 196 9.69 32.83 8.93
N THR A 197 9.47 33.84 9.79
CA THR A 197 9.64 33.65 11.23
C THR A 197 8.55 32.75 11.80
N LYS A 198 7.32 32.88 11.32
CA LYS A 198 6.31 31.88 11.62
C LYS A 198 6.80 30.47 11.26
N MET A 199 7.41 30.31 10.08
CA MET A 199 7.83 28.97 9.68
C MET A 199 9.00 28.48 10.54
N ALA A 200 9.98 29.34 10.80
CA ALA A 200 11.04 28.98 11.74
C ALA A 200 10.45 28.60 13.10
N GLY A 201 9.32 29.20 13.47
CA GLY A 201 8.72 28.92 14.77
C GLY A 201 8.16 27.51 14.86
N TRP A 202 7.62 27.00 13.74
CA TRP A 202 7.25 25.59 13.65
C TRP A 202 8.44 24.69 13.96
N LEU A 203 9.60 25.00 13.37
CA LEU A 203 10.77 24.15 13.52
C LEU A 203 11.40 24.24 14.91
N SER A 204 11.09 25.29 15.67
CA SER A 204 11.58 25.43 17.03
C SER A 204 10.47 25.23 18.07
N ALA A 205 9.36 24.60 17.68
CA ALA A 205 8.20 24.47 18.57
C ALA A 205 8.50 23.67 19.83
N ASP A 206 9.53 22.83 19.82
CA ASP A 206 9.87 22.05 21.01
C ASP A 206 10.94 22.71 21.89
N GLY A 207 11.30 23.95 21.61
CA GLY A 207 12.36 24.64 22.34
C GLY A 207 13.75 24.37 21.82
N GLN A 208 13.92 23.47 20.86
CA GLN A 208 15.19 23.16 20.23
C GLN A 208 15.19 23.68 18.79
N GLU A 209 16.29 23.42 18.08
CA GLU A 209 16.54 24.00 16.75
C GLU A 209 16.91 22.90 15.76
N ARG A 210 15.95 22.02 15.49
CA ARG A 210 16.19 20.93 14.55
C ARG A 210 16.58 21.48 13.18
N PRO A 211 17.46 20.79 12.44
CA PRO A 211 17.81 21.27 11.10
C PRO A 211 16.72 21.05 10.08
N PHE A 212 15.89 20.02 10.24
CA PHE A 212 14.84 19.66 9.29
C PHE A 212 13.56 19.36 10.05
N PHE A 213 12.43 19.36 9.35
CA PHE A 213 11.12 19.19 10.01
C PHE A 213 11.08 17.94 10.87
N MET A 214 11.65 16.83 10.37
CA MET A 214 11.61 15.57 11.10
C MET A 214 12.60 15.49 12.24
N GLY A 215 13.63 16.34 12.25
CA GLY A 215 14.71 16.19 13.19
C GLY A 215 16.03 16.26 12.44
N GLU A 216 16.85 15.22 12.55
CA GLU A 216 18.11 15.17 11.82
C GLU A 216 17.96 14.68 10.39
N LYS A 217 16.87 13.99 10.08
CA LYS A 217 16.64 13.43 8.75
C LYS A 217 15.82 14.41 7.90
N LEU A 218 16.29 14.70 6.70
CA LEU A 218 15.53 15.57 5.80
C LEU A 218 14.51 14.74 5.03
N CYS A 219 13.44 15.40 4.60
CA CYS A 219 12.37 14.74 3.84
C CYS A 219 11.90 15.72 2.78
N TYR A 220 10.84 15.34 2.07
CA TYR A 220 10.34 16.17 0.97
C TYR A 220 9.98 17.59 1.42
N THR A 221 9.50 17.74 2.65
CA THR A 221 9.06 19.06 3.11
C THR A 221 10.21 20.07 3.12
N ASP A 222 11.40 19.65 3.58
CA ASP A 222 12.57 20.53 3.56
C ASP A 222 12.98 20.87 2.13
N ILE A 223 12.77 19.95 1.21
CA ILE A 223 13.09 20.17 -0.20
C ILE A 223 12.21 21.28 -0.77
N VAL A 224 10.91 21.25 -0.42
CA VAL A 224 10.01 22.29 -0.88
C VAL A 224 10.47 23.67 -0.41
N VAL A 225 10.87 23.78 0.85
CA VAL A 225 11.33 25.08 1.34
C VAL A 225 12.60 25.49 0.62
N GLY A 226 13.53 24.55 0.45
CA GLY A 226 14.78 24.86 -0.22
C GLY A 226 14.62 25.23 -1.68
N ALA A 227 13.70 24.57 -2.38
CA ALA A 227 13.46 24.89 -3.78
C ALA A 227 13.03 26.35 -3.95
N TRP A 228 12.12 26.82 -3.07
CA TRP A 228 11.67 28.21 -3.12
C TRP A 228 12.79 29.19 -2.76
N LEU A 229 13.60 28.86 -1.75
CA LEU A 229 14.73 29.74 -1.42
C LEU A 229 15.76 29.76 -2.53
N ILE A 230 16.07 28.58 -3.11
CA ILE A 230 17.03 28.50 -4.19
C ILE A 230 16.56 29.33 -5.38
N SER A 231 15.26 29.28 -5.68
CA SER A 231 14.74 30.12 -6.75
C SER A 231 14.93 31.61 -6.45
N VAL A 232 14.60 32.04 -5.22
CA VAL A 232 14.79 33.46 -4.85
C VAL A 232 16.24 33.87 -5.05
N LYS A 233 17.17 33.05 -4.55
CA LYS A 233 18.58 33.34 -4.73
C LYS A 233 18.95 33.43 -6.20
N LYS A 234 18.48 32.46 -7.01
CA LYS A 234 18.87 32.42 -8.42
C LYS A 234 18.31 33.63 -9.17
N VAL A 235 17.09 34.04 -8.83
CA VAL A 235 16.46 35.16 -9.53
C VAL A 235 17.04 36.49 -9.04
N PHE A 236 17.14 36.66 -7.71
CA PHE A 236 17.66 37.93 -7.21
C PHE A 236 19.16 38.06 -7.42
N GLY A 237 19.90 36.94 -7.43
CA GLY A 237 21.34 37.00 -7.47
C GLY A 237 21.96 36.89 -6.09
N SER A 238 23.08 36.17 -6.00
CA SER A 238 23.65 35.82 -4.70
C SER A 238 24.24 37.02 -3.97
N ASP A 239 24.48 38.13 -4.66
CA ASP A 239 24.98 39.36 -4.04
C ASP A 239 23.91 40.43 -3.86
N HIS A 240 22.66 40.16 -4.27
CA HIS A 240 21.61 41.16 -4.11
C HIS A 240 21.41 41.51 -2.65
N PRO A 241 21.46 42.79 -2.28
CA PRO A 241 21.22 43.18 -0.86
C PRO A 241 20.00 42.54 -0.25
N GLU A 242 18.91 42.38 -1.02
CA GLU A 242 17.71 41.75 -0.46
C GLU A 242 17.94 40.27 -0.21
N TRP A 243 18.61 39.56 -1.14
CA TRP A 243 18.95 38.16 -0.86
C TRP A 243 19.89 38.06 0.33
N LEU A 244 20.87 38.95 0.42
CA LEU A 244 21.75 38.97 1.59
C LEU A 244 20.95 39.19 2.88
N GLN A 245 19.84 39.93 2.83
CA GLN A 245 19.02 40.09 4.03
C GLN A 245 18.41 38.74 4.45
N VAL A 246 17.87 37.99 3.49
CA VAL A 246 17.25 36.70 3.80
C VAL A 246 18.25 35.74 4.44
N GLU A 247 19.53 35.89 4.12
CA GLU A 247 20.55 35.03 4.72
C GLU A 247 20.70 35.29 6.22
N LYS A 248 20.28 36.45 6.70
CA LYS A 248 20.34 36.77 8.12
C LYS A 248 19.00 36.59 8.83
N TRP A 249 17.97 36.14 8.12
CA TRP A 249 16.69 35.92 8.75
C TRP A 249 16.74 34.72 9.68
N ASP A 250 16.05 34.82 10.81
CA ASP A 250 15.75 33.69 11.68
C ASP A 250 17.01 32.97 12.14
N GLY A 251 18.04 33.73 12.52
CA GLY A 251 19.28 33.13 12.99
C GLY A 251 20.03 32.37 11.93
N GLY A 252 19.73 32.62 10.65
CA GLY A 252 20.47 32.04 9.55
C GLY A 252 19.96 30.69 9.12
N ARG A 253 18.74 30.31 9.52
CA ARG A 253 18.21 28.99 9.22
C ARG A 253 18.13 28.76 7.72
N TRP A 254 17.62 29.75 6.97
CA TRP A 254 17.39 29.57 5.55
C TRP A 254 18.71 29.53 4.79
N SER A 255 19.68 30.32 5.25
CA SER A 255 21.02 30.23 4.66
C SER A 255 21.59 28.82 4.83
N ARG A 256 21.42 28.24 6.01
CA ARG A 256 21.92 26.88 6.23
C ARG A 256 21.16 25.87 5.38
N LEU A 257 19.84 26.03 5.22
CA LEU A 257 19.10 25.12 4.36
C LEU A 257 19.53 25.26 2.91
N VAL A 258 19.73 26.49 2.43
CA VAL A 258 20.24 26.67 1.06
C VAL A 258 21.57 25.97 0.89
N GLN A 259 22.47 26.12 1.86
CA GLN A 259 23.74 25.42 1.83
C GLN A 259 23.52 23.91 1.68
N VAL A 260 22.54 23.36 2.41
CA VAL A 260 22.28 21.93 2.38
C VAL A 260 21.87 21.50 0.96
N VAL A 261 20.89 22.19 0.38
CA VAL A 261 20.34 21.72 -0.90
C VAL A 261 21.32 21.99 -2.05
N GLU A 262 22.23 22.96 -1.87
CA GLU A 262 23.22 23.28 -2.90
C GLU A 262 24.28 22.20 -3.02
N ASN A 263 24.52 21.44 -1.94
CA ASN A 263 25.55 20.42 -1.94
C ASN A 263 24.94 19.01 -2.04
N PHE A 264 23.74 18.91 -2.60
CA PHE A 264 23.17 17.61 -2.94
C PHE A 264 24.02 16.95 -4.02
N MET B 9 1.25 0.46 39.32
CA MET B 9 0.26 1.24 40.06
C MET B 9 0.87 2.56 40.55
N ILE B 10 0.10 3.65 40.48
CA ILE B 10 0.55 4.96 40.92
C ILE B 10 -0.64 5.80 41.37
N GLN B 11 -0.38 7.00 41.87
CA GLN B 11 -1.43 7.87 42.39
C GLN B 11 -2.17 8.58 41.27
N GLN B 12 -3.41 8.97 41.58
CA GLN B 12 -4.25 9.70 40.64
C GLN B 12 -3.66 11.07 40.31
N ILE B 13 -3.52 11.34 39.00
CA ILE B 13 -3.09 12.66 38.55
C ILE B 13 -4.20 13.69 38.82
N HIS B 14 -3.80 14.91 39.13
CA HIS B 14 -4.74 15.99 39.41
C HIS B 14 -5.00 16.74 38.11
N PHE B 15 -6.20 16.61 37.57
CA PHE B 15 -6.53 17.20 36.28
C PHE B 15 -7.48 18.37 36.51
N TYR B 16 -7.02 19.58 36.18
CA TYR B 16 -7.80 20.79 36.38
C TYR B 16 -8.63 21.06 35.14
N ASP B 17 -9.95 21.02 35.29
CA ASP B 17 -10.91 21.14 34.20
C ASP B 17 -11.86 22.30 34.48
N ILE B 18 -12.55 22.76 33.44
CA ILE B 18 -13.45 23.91 33.53
C ILE B 18 -14.89 23.39 33.47
N PRO B 19 -15.68 23.54 34.53
CA PRO B 19 -17.05 22.99 34.51
C PRO B 19 -18.03 23.90 33.78
N ARG B 20 -19.10 23.28 33.27
CA ARG B 20 -20.32 24.00 32.96
C ARG B 20 -21.34 23.72 34.07
N ASN B 21 -22.52 24.31 33.97
CA ASN B 21 -23.53 24.21 35.02
C ASN B 21 -24.38 22.94 34.83
N ARG B 22 -23.75 21.80 35.05
CA ARG B 22 -24.44 20.52 34.95
C ARG B 22 -23.92 19.58 36.02
N ASP B 23 -24.67 18.51 36.25
CA ASP B 23 -24.24 17.46 37.16
C ASP B 23 -22.91 16.86 36.68
N GLU B 24 -22.19 16.26 37.63
CA GLU B 24 -20.79 15.93 37.40
C GLU B 24 -20.60 14.96 36.23
N ASP B 25 -21.55 14.03 36.03
CA ASP B 25 -21.48 13.13 34.89
C ASP B 25 -21.45 13.85 33.55
N ASP B 26 -21.93 15.10 33.49
CA ASP B 26 -22.02 15.83 32.25
C ASP B 26 -21.29 17.17 32.31
N ARG B 27 -20.38 17.32 33.27
CA ARG B 27 -19.82 18.62 33.61
C ARG B 27 -18.67 19.03 32.69
N THR B 28 -17.98 18.06 32.07
CA THR B 28 -16.88 18.39 31.17
C THR B 28 -17.45 18.79 29.81
N TRP B 29 -16.73 19.68 29.11
CA TRP B 29 -17.26 20.26 27.87
C TRP B 29 -16.18 20.96 27.02
N ASN B 30 -15.11 21.41 27.64
CA ASN B 30 -14.25 22.43 27.04
C ASN B 30 -13.29 21.81 26.02
N PRO B 31 -13.07 22.49 24.90
CA PRO B 31 -12.21 21.92 23.85
C PRO B 31 -10.75 21.74 24.26
N ASN B 32 -10.15 22.79 24.81
CA ASN B 32 -8.74 22.72 25.17
C ASN B 32 -8.51 21.73 26.30
N THR B 33 -9.35 21.79 27.32
CA THR B 33 -9.15 20.87 28.43
C THR B 33 -9.36 19.42 27.99
N SER B 34 -10.25 19.20 27.02
CA SER B 34 -10.48 17.84 26.55
C SER B 34 -9.25 17.25 25.87
N LYS B 35 -8.36 18.09 25.32
CA LYS B 35 -7.11 17.59 24.77
C LYS B 35 -6.34 16.79 25.81
N THR B 36 -6.28 17.30 27.04
CA THR B 36 -5.54 16.64 28.10
C THR B 36 -6.32 15.47 28.68
N ARG B 37 -7.62 15.66 28.94
CA ARG B 37 -8.42 14.55 29.43
C ARG B 37 -8.36 13.37 28.48
N LEU B 38 -8.42 13.63 27.17
CA LEU B 38 -8.31 12.56 26.18
C LEU B 38 -6.88 12.01 26.11
N THR B 39 -5.87 12.83 26.38
CA THR B 39 -4.50 12.31 26.47
C THR B 39 -4.35 11.36 27.66
N LEU B 40 -4.95 11.70 28.78
CA LEU B 40 -4.86 10.85 29.98
C LEU B 40 -5.56 9.51 29.75
N THR B 41 -6.72 9.53 29.11
CA THR B 41 -7.50 8.31 28.95
C THR B 41 -6.93 7.42 27.86
N TYR B 42 -6.40 8.02 26.78
CA TYR B 42 -5.65 7.25 25.80
C TYR B 42 -4.49 6.52 26.46
N LYS B 43 -3.71 7.23 27.28
CA LYS B 43 -2.62 6.58 27.99
C LYS B 43 -3.11 5.71 29.14
N ARG B 44 -4.42 5.75 29.44
CA ARG B 44 -5.03 4.95 30.52
C ARG B 44 -4.42 5.30 31.89
N LEU B 45 -4.04 6.56 32.06
CA LEU B 45 -3.50 7.01 33.34
C LEU B 45 -4.62 7.42 34.28
N PRO B 46 -4.55 7.01 35.54
CA PRO B 46 -5.61 7.40 36.48
C PRO B 46 -5.55 8.88 36.79
N TYR B 47 -6.72 9.50 36.92
CA TYR B 47 -6.79 10.90 37.26
C TYR B 47 -8.07 11.15 38.05
N LYS B 48 -8.08 12.29 38.72
CA LYS B 48 -9.29 12.87 39.27
C LYS B 48 -9.42 14.29 38.73
N THR B 49 -10.63 14.69 38.41
CA THR B 49 -10.88 16.04 37.96
C THR B 49 -10.97 16.98 39.15
N ILE B 50 -10.43 18.17 38.99
CA ILE B 50 -10.58 19.26 39.96
C ILE B 50 -11.14 20.44 39.20
N TRP B 51 -12.40 20.80 39.48
CA TRP B 51 -13.09 21.81 38.69
C TRP B 51 -12.66 23.21 39.11
N VAL B 52 -12.30 24.03 38.12
CA VAL B 52 -12.01 25.44 38.36
C VAL B 52 -12.84 26.28 37.40
N GLU B 53 -13.61 27.23 37.95
CA GLU B 53 -14.46 28.08 37.14
C GLU B 53 -13.64 29.21 36.52
N TYR B 54 -14.07 29.65 35.32
CA TYR B 54 -13.36 30.66 34.53
C TYR B 54 -12.77 31.79 35.36
N PRO B 55 -13.56 32.53 36.17
CA PRO B 55 -12.99 33.70 36.87
C PRO B 55 -11.96 33.36 37.95
N ASP B 56 -11.87 32.08 38.35
CA ASP B 56 -10.93 31.63 39.37
C ASP B 56 -9.65 31.05 38.81
N ILE B 57 -9.50 30.99 37.48
CA ILE B 57 -8.41 30.19 36.90
C ILE B 57 -7.06 30.74 37.32
N GLU B 58 -6.77 32.01 36.98
CA GLU B 58 -5.44 32.53 37.25
C GLU B 58 -5.11 32.49 38.73
N ARG B 59 -6.08 32.80 39.59
CA ARG B 59 -5.85 32.68 41.03
C ARG B 59 -5.53 31.24 41.42
N VAL B 60 -6.30 30.28 40.90
CA VAL B 60 -6.05 28.89 41.25
C VAL B 60 -4.70 28.45 40.71
N CYS B 61 -4.33 28.93 39.52
CA CYS B 61 -3.00 28.64 38.98
C CYS B 61 -1.90 29.22 39.85
N LYS B 62 -2.05 30.49 40.26
CA LYS B 62 -1.02 31.14 41.07
C LYS B 62 -0.84 30.45 42.42
N GLU B 63 -1.90 29.80 42.93
CA GLU B 63 -1.79 29.21 44.26
C GLU B 63 -1.14 27.83 44.20
N ILE B 64 -1.36 27.06 43.13
CA ILE B 64 -0.68 25.78 42.97
C ILE B 64 0.61 25.91 42.19
N GLY B 65 0.94 27.09 41.70
CA GLY B 65 2.23 27.30 41.04
C GLY B 65 2.37 26.75 39.63
N ALA B 66 1.31 26.77 38.84
CA ALA B 66 1.39 26.41 37.44
C ALA B 66 1.73 27.64 36.61
N GLU B 67 2.66 27.48 35.67
CA GLU B 67 3.02 28.58 34.79
C GLU B 67 1.81 29.06 34.00
N PRO B 68 1.85 30.27 33.47
CA PRO B 68 0.92 30.65 32.40
C PRO B 68 1.27 29.92 31.12
N SER B 69 0.34 29.95 30.16
CA SER B 69 0.57 29.32 28.87
C SER B 69 0.96 30.31 27.79
N ALA B 70 0.37 31.50 27.79
CA ALA B 70 0.75 32.56 26.86
C ALA B 70 0.92 33.87 27.61
N PHE B 71 1.10 34.98 26.89
CA PHE B 71 1.35 36.28 27.51
C PHE B 71 0.51 37.33 26.81
N GLY B 72 -0.20 38.14 27.61
CA GLY B 72 -0.94 39.27 27.08
C GLY B 72 -1.99 38.93 26.04
N LEU B 73 -2.51 37.70 26.05
CA LEU B 73 -3.47 37.25 25.06
C LEU B 73 -4.91 37.64 25.41
N LEU B 74 -5.12 38.30 26.56
CA LEU B 74 -6.42 38.88 26.90
C LEU B 74 -6.26 40.34 27.33
N LYS B 75 -5.39 40.61 28.30
CA LYS B 75 -4.98 41.96 28.65
C LYS B 75 -3.50 42.09 28.29
N GLU B 76 -3.20 43.03 27.38
CA GLU B 76 -1.89 43.10 26.73
C GLU B 76 -0.73 43.06 27.72
N GLY B 77 -0.95 43.47 28.96
CA GLY B 77 0.14 43.62 29.90
C GLY B 77 0.46 42.43 30.77
N LYS B 78 -0.52 41.57 31.02
CA LYS B 78 -0.35 40.50 31.99
C LYS B 78 -0.36 39.13 31.33
N PRO B 79 0.22 38.11 31.99
CA PRO B 79 0.26 36.78 31.39
C PRO B 79 -1.12 36.13 31.36
N TYR B 80 -1.23 35.14 30.46
CA TYR B 80 -2.47 34.39 30.26
C TYR B 80 -2.37 33.06 31.00
N TYR B 81 -3.15 32.91 32.05
CA TYR B 81 -3.24 31.68 32.81
C TYR B 81 -4.43 30.86 32.30
N SER B 82 -4.20 29.58 32.02
CA SER B 82 -5.25 28.80 31.37
C SER B 82 -5.29 27.38 31.91
N LEU B 83 -6.41 26.72 31.63
CA LEU B 83 -6.56 25.28 31.80
C LEU B 83 -6.62 24.66 30.39
N PRO B 84 -6.19 23.40 30.24
CA PRO B 84 -5.78 22.43 31.25
C PRO B 84 -4.46 22.71 31.99
N VAL B 85 -4.45 22.21 33.23
CA VAL B 85 -3.28 22.09 34.07
C VAL B 85 -3.37 20.72 34.72
N ILE B 86 -2.24 20.03 34.85
CA ILE B 86 -2.18 18.83 35.67
C ILE B 86 -1.16 19.07 36.78
N HIS B 87 -1.43 18.47 37.94
CA HIS B 87 -0.43 18.23 38.96
C HIS B 87 -0.28 16.72 39.11
N ASP B 88 0.93 16.21 38.89
CA ASP B 88 1.21 14.79 39.07
C ASP B 88 1.80 14.59 40.47
N PRO B 89 1.04 14.04 41.43
CA PRO B 89 1.61 13.77 42.76
C PRO B 89 2.70 12.72 42.77
N ASN B 90 2.81 11.89 41.71
CA ASN B 90 3.85 10.88 41.67
C ASN B 90 5.24 11.49 41.52
N THR B 91 5.34 12.69 40.93
CA THR B 91 6.60 13.39 40.78
C THR B 91 6.62 14.75 41.48
N GLY B 92 5.49 15.24 41.96
CA GLY B 92 5.42 16.61 42.45
C GLY B 92 5.43 17.68 41.37
N THR B 93 5.19 17.32 40.11
CA THR B 93 5.31 18.27 39.01
C THR B 93 3.95 18.86 38.65
N THR B 94 3.95 20.15 38.32
CA THR B 94 2.78 20.87 37.83
C THR B 94 3.06 21.40 36.42
N ILE B 95 2.19 21.05 35.46
CA ILE B 95 2.40 21.37 34.05
C ILE B 95 1.14 22.02 33.50
N SER B 96 1.31 23.06 32.71
CA SER B 96 0.20 23.74 32.07
C SER B 96 0.45 23.75 30.56
N ASP B 97 -0.63 24.01 29.82
CA ASP B 97 -0.69 23.95 28.36
C ASP B 97 -0.77 22.49 27.92
N SER B 98 -1.81 22.19 27.13
CA SER B 98 -2.14 20.82 26.79
C SER B 98 -0.99 20.10 26.08
N ILE B 99 -0.26 20.80 25.22
CA ILE B 99 0.83 20.13 24.50
C ILE B 99 2.03 19.90 25.43
N ARG B 100 2.31 20.87 26.32
CA ARG B 100 3.35 20.66 27.33
C ARG B 100 2.99 19.49 28.23
N ILE B 101 1.70 19.34 28.54
CA ILE B 101 1.27 18.22 29.37
C ILE B 101 1.48 16.90 28.65
N ALA B 102 1.19 16.86 27.33
CA ALA B 102 1.33 15.63 26.57
C ALA B 102 2.78 15.15 26.54
N ARG B 103 3.72 16.05 26.21
CA ARG B 103 5.14 15.71 26.32
C ARG B 103 5.48 15.19 27.71
N TYR B 104 5.05 15.91 28.75
CA TYR B 104 5.30 15.48 30.12
C TYR B 104 4.84 14.05 30.33
N LEU B 105 3.65 13.72 29.85
CA LEU B 105 3.12 12.38 30.04
C LEU B 105 3.85 11.36 29.19
N ASP B 106 4.36 11.78 28.02
CA ASP B 106 5.19 10.90 27.20
C ASP B 106 6.46 10.53 27.92
N LYS B 107 7.15 11.53 28.48
CA LYS B 107 8.44 11.30 29.08
C LYS B 107 8.32 10.62 30.44
N THR B 108 7.36 11.06 31.27
CA THR B 108 7.21 10.49 32.60
C THR B 108 6.74 9.03 32.56
N TYR B 109 6.01 8.63 31.51
CA TYR B 109 5.44 7.29 31.41
C TYR B 109 5.72 6.70 30.03
N PRO B 110 6.96 6.30 29.78
CA PRO B 110 7.29 5.70 28.46
C PRO B 110 6.52 4.42 28.17
N ASP B 111 6.01 3.75 29.21
CA ASP B 111 5.15 2.58 29.00
C ASP B 111 3.92 2.93 28.19
N THR B 112 3.32 4.10 28.46
CA THR B 112 2.11 4.50 27.76
C THR B 112 2.43 4.76 26.29
N PRO B 113 1.44 4.63 25.40
CA PRO B 113 1.68 4.96 24.00
C PRO B 113 2.12 6.41 23.87
N ALA B 114 3.24 6.62 23.19
CA ALA B 114 3.71 7.98 22.96
C ALA B 114 2.74 8.70 22.06
N VAL B 115 2.57 9.99 22.33
CA VAL B 115 1.56 10.81 21.70
C VAL B 115 2.18 11.91 20.86
N ILE B 116 3.32 12.44 21.30
CA ILE B 116 4.00 13.53 20.60
C ILE B 116 5.50 13.21 20.55
N PRO B 117 5.92 12.24 19.73
CA PRO B 117 7.36 12.01 19.55
C PRO B 117 8.06 13.22 18.95
N ALA B 118 9.36 13.32 19.23
CA ALA B 118 10.15 14.44 18.71
C ALA B 118 9.93 14.65 17.22
N GLU B 119 9.80 13.55 16.47
CA GLU B 119 9.62 13.59 15.02
C GLU B 119 8.33 14.26 14.60
N LEU B 120 7.39 14.45 15.54
CA LEU B 120 6.10 15.01 15.17
C LEU B 120 6.03 16.51 15.43
N GLU B 121 6.92 17.05 16.27
CA GLU B 121 6.72 18.36 16.90
C GLU B 121 6.57 19.48 15.89
N ALA B 122 7.43 19.51 14.87
CA ALA B 122 7.36 20.62 13.92
C ALA B 122 6.14 20.49 13.03
N PHE B 123 5.80 19.26 12.61
CA PHE B 123 4.61 19.07 11.79
C PHE B 123 3.35 19.38 12.57
N HIS B 124 3.31 18.99 13.85
CA HIS B 124 2.14 19.33 14.65
C HIS B 124 2.01 20.85 14.81
N ALA B 125 3.13 21.55 14.95
CA ALA B 125 3.05 23.00 15.05
C ALA B 125 2.54 23.61 13.75
N VAL B 126 2.94 23.05 12.61
CA VAL B 126 2.35 23.47 11.34
C VAL B 126 0.84 23.28 11.40
N PHE B 127 0.40 22.11 11.87
CA PHE B 127 -1.01 21.81 11.97
C PHE B 127 -1.75 22.81 12.86
N GLU B 128 -1.19 23.13 14.03
CA GLU B 128 -1.90 24.05 14.93
C GLU B 128 -2.21 25.37 14.23
N ASP B 129 -1.25 25.90 13.46
CA ASP B 129 -1.51 27.12 12.70
C ASP B 129 -2.48 26.90 11.56
N ALA B 130 -2.34 25.78 10.83
CA ALA B 130 -3.33 25.44 9.82
C ALA B 130 -4.73 25.28 10.43
N PHE B 131 -4.80 24.57 11.55
CA PHE B 131 -6.07 24.30 12.20
C PHE B 131 -6.74 25.60 12.67
N TRP B 132 -5.93 26.56 13.14
CA TRP B 132 -6.47 27.84 13.60
C TRP B 132 -7.30 28.51 12.51
N ASP B 133 -6.69 28.80 11.36
CA ASP B 133 -7.42 29.48 10.29
C ASP B 133 -8.50 28.59 9.67
N THR B 134 -8.27 27.27 9.61
CA THR B 134 -9.16 26.37 8.86
C THR B 134 -10.34 25.87 9.67
N ILE B 135 -10.13 25.49 10.93
CA ILE B 135 -11.20 24.98 11.79
C ILE B 135 -11.58 25.97 12.89
N PHE B 136 -10.59 26.48 13.64
CA PHE B 136 -10.92 27.18 14.88
C PHE B 136 -11.71 28.45 14.62
N MET B 137 -11.21 29.30 13.73
CA MET B 137 -11.92 30.52 13.40
C MET B 137 -13.29 30.28 12.77
N PRO B 138 -13.47 29.35 11.82
CA PRO B 138 -14.85 29.05 11.37
C PRO B 138 -15.73 28.49 12.47
N LEU B 139 -15.16 27.77 13.43
CA LEU B 139 -15.97 27.12 14.46
C LEU B 139 -16.33 28.08 15.58
N PHE B 140 -15.50 29.09 15.82
CA PHE B 140 -15.66 29.97 16.99
C PHE B 140 -17.04 30.58 17.11
N PRO B 141 -17.61 31.26 16.10
CA PRO B 141 -18.95 31.85 16.28
C PRO B 141 -20.06 30.83 16.49
N PHE B 142 -19.74 29.53 16.46
CA PHE B 142 -20.72 28.50 16.77
C PHE B 142 -20.54 27.92 18.18
N LEU B 143 -19.32 27.52 18.53
CA LEU B 143 -19.10 26.86 19.81
C LEU B 143 -19.25 27.84 20.98
N VAL B 144 -18.66 29.02 20.84
CA VAL B 144 -18.57 29.96 21.96
C VAL B 144 -19.97 30.48 22.30
N PRO B 145 -20.75 31.01 21.35
CA PRO B 145 -22.13 31.40 21.68
C PRO B 145 -22.95 30.27 22.29
N ALA B 146 -22.72 29.02 21.88
CA ALA B 146 -23.50 27.91 22.39
C ALA B 146 -23.07 27.49 23.79
N ALA B 147 -21.78 27.58 24.12
CA ALA B 147 -21.33 27.15 25.43
C ALA B 147 -21.60 28.19 26.50
N CYS B 148 -21.78 29.44 26.11
CA CYS B 148 -21.86 30.52 27.09
C CYS B 148 -23.03 30.35 28.05
N PRO B 149 -24.30 30.25 27.60
CA PRO B 149 -25.40 30.04 28.55
C PRO B 149 -25.35 28.72 29.29
N GLN B 150 -24.42 27.82 28.97
CA GLN B 150 -24.31 26.58 29.74
C GLN B 150 -23.49 26.77 31.01
N LEU B 151 -22.65 27.79 31.06
CA LEU B 151 -21.90 28.11 32.27
C LEU B 151 -22.83 28.63 33.36
N ASN B 152 -22.38 28.52 34.61
CA ASN B 152 -23.10 29.12 35.73
C ASN B 152 -22.91 30.63 35.62
N PRO B 153 -23.65 31.44 36.41
CA PRO B 153 -23.66 32.89 36.15
C PRO B 153 -22.31 33.61 36.23
N ARG B 154 -21.47 33.33 37.24
CA ARG B 154 -20.17 34.02 37.30
C ARG B 154 -19.29 33.62 36.11
N SER B 155 -19.28 32.33 35.76
CA SER B 155 -18.46 31.89 34.64
C SER B 155 -18.96 32.49 33.33
N GLU B 156 -20.27 32.44 33.08
CA GLU B 156 -20.85 33.06 31.90
C GLU B 156 -20.49 34.54 31.79
N ALA B 157 -20.59 35.29 32.90
CA ALA B 157 -20.31 36.72 32.83
C ALA B 157 -18.84 36.97 32.46
N TYR B 158 -17.92 36.17 33.03
CA TYR B 158 -16.52 36.29 32.66
C TYR B 158 -16.29 35.79 31.23
N PHE B 159 -16.86 34.64 30.88
CA PHE B 159 -16.65 34.09 29.54
C PHE B 159 -17.20 35.04 28.48
N ARG B 160 -18.42 35.53 28.66
CA ARG B 160 -19.03 36.42 27.67
C ARG B 160 -18.20 37.71 27.52
N GLU B 161 -17.79 38.32 28.63
CA GLU B 161 -17.12 39.61 28.56
C GLU B 161 -15.71 39.49 27.98
N THR B 162 -14.97 38.45 28.35
CA THR B 162 -13.60 38.33 27.84
C THR B 162 -13.60 37.98 26.35
N ARG B 163 -14.47 37.06 25.93
CA ARG B 163 -14.48 36.62 24.54
C ARG B 163 -15.13 37.65 23.61
N GLU B 164 -16.09 38.42 24.13
CA GLU B 164 -16.61 39.56 23.37
C GLU B 164 -15.60 40.68 23.27
N GLY B 165 -14.79 40.86 24.32
CA GLY B 165 -13.79 41.90 24.28
C GLY B 165 -12.69 41.60 23.29
N LYS B 166 -12.45 40.33 23.00
CA LYS B 166 -11.37 39.91 22.12
C LYS B 166 -11.81 39.71 20.68
N PHE B 167 -12.87 38.92 20.47
CA PHE B 167 -13.36 38.60 19.13
C PHE B 167 -14.55 39.45 18.71
N GLY B 168 -14.94 40.44 19.51
CA GLY B 168 -16.16 41.17 19.26
C GLY B 168 -16.26 41.87 17.92
N SER B 169 -15.30 42.75 17.61
CA SER B 169 -15.37 43.53 16.38
C SER B 169 -15.14 42.67 15.15
N ILE B 170 -14.35 41.61 15.26
CA ILE B 170 -14.09 40.73 14.12
C ILE B 170 -15.30 39.89 13.74
N LEU B 171 -16.35 39.90 14.54
CA LEU B 171 -17.46 38.97 14.32
C LEU B 171 -18.82 39.66 14.26
N GLY B 172 -18.96 40.80 14.95
CA GLY B 172 -20.20 41.56 14.88
C GLY B 172 -20.70 42.08 16.22
N GLY B 173 -19.83 42.19 17.21
CA GLY B 173 -20.20 42.78 18.47
C GLY B 173 -20.59 41.78 19.53
N LYS B 174 -21.86 41.79 19.93
CA LYS B 174 -22.33 40.87 20.95
C LYS B 174 -22.51 39.47 20.35
N MET B 175 -22.44 38.46 21.22
CA MET B 175 -22.37 37.08 20.74
C MET B 175 -23.60 36.69 19.93
N GLU B 176 -24.75 37.31 20.19
CA GLU B 176 -25.95 37.01 19.43
C GLU B 176 -25.82 37.39 17.96
N ASN B 177 -24.89 38.30 17.64
CA ASN B 177 -24.68 38.70 16.26
C ASN B 177 -23.70 37.82 15.51
N TRP B 178 -23.01 36.89 16.19
CA TRP B 178 -21.95 36.13 15.55
C TRP B 178 -22.50 35.20 14.48
N ALA B 179 -23.50 34.38 14.82
CA ALA B 179 -24.18 33.54 13.84
C ALA B 179 -25.68 33.49 14.17
N PRO B 180 -26.40 34.58 13.92
CA PRO B 180 -27.85 34.57 14.11
C PRO B 180 -28.56 33.83 12.99
N THR B 181 -29.53 33.00 13.38
CA THR B 181 -30.32 32.17 12.48
C THR B 181 -30.86 32.98 11.30
N GLY B 182 -30.39 32.65 10.10
CA GLY B 182 -30.69 33.42 8.91
C GLY B 182 -29.55 33.31 7.92
N PRO B 183 -29.41 34.31 7.04
CA PRO B 183 -28.31 34.27 6.06
C PRO B 183 -26.94 34.30 6.71
N VAL B 184 -26.82 34.96 7.87
CA VAL B 184 -25.55 34.98 8.61
C VAL B 184 -25.16 33.55 8.99
N ARG B 185 -26.03 32.88 9.73
CA ARG B 185 -25.74 31.53 10.20
C ARG B 185 -25.52 30.57 9.04
N ASP B 186 -26.14 30.84 7.89
CA ASP B 186 -26.01 29.94 6.74
C ASP B 186 -24.62 30.01 6.13
N ASP B 187 -24.10 31.23 5.94
CA ASP B 187 -22.78 31.40 5.34
C ASP B 187 -21.69 30.83 6.24
N ARG B 188 -21.77 31.10 7.55
CA ARG B 188 -20.75 30.60 8.46
C ARG B 188 -20.79 29.07 8.53
N TRP B 189 -21.98 28.49 8.47
CA TRP B 189 -22.07 27.04 8.48
C TRP B 189 -21.41 26.46 7.24
N LYS B 190 -21.56 27.15 6.10
CA LYS B 190 -20.90 26.73 4.87
C LYS B 190 -19.39 26.73 5.02
N ALA B 191 -18.83 27.86 5.46
CA ALA B 191 -17.38 27.98 5.61
C ALA B 191 -16.84 27.03 6.68
N LEU B 192 -17.64 26.67 7.67
CA LEU B 192 -17.20 25.65 8.61
C LEU B 192 -17.09 24.29 7.94
N GLN B 193 -18.09 23.95 7.12
CA GLN B 193 -18.05 22.67 6.43
C GLN B 193 -16.89 22.62 5.45
N ALA B 194 -16.61 23.73 4.77
CA ALA B 194 -15.46 23.77 3.85
C ALA B 194 -14.17 23.50 4.59
N GLY B 195 -14.02 24.09 5.79
CA GLY B 195 -12.82 23.85 6.58
C GLY B 195 -12.63 22.40 6.95
N PHE B 196 -13.69 21.73 7.39
CA PHE B 196 -13.58 20.30 7.66
C PHE B 196 -13.25 19.50 6.39
N THR B 197 -13.81 19.92 5.24
CA THR B 197 -13.50 19.21 4.00
C THR B 197 -12.05 19.44 3.56
N LYS B 198 -11.56 20.67 3.67
CA LYS B 198 -10.13 20.92 3.52
C LYS B 198 -9.30 19.99 4.40
N MET B 199 -9.71 19.85 5.67
CA MET B 199 -8.97 19.03 6.61
C MET B 199 -9.04 17.55 6.24
N ALA B 200 -10.17 17.09 5.69
CA ALA B 200 -10.25 15.72 5.19
C ALA B 200 -9.34 15.52 3.98
N GLY B 201 -9.18 16.54 3.14
CA GLY B 201 -8.25 16.46 2.03
C GLY B 201 -6.83 16.16 2.47
N TRP B 202 -6.36 16.83 3.53
CA TRP B 202 -5.04 16.49 4.08
C TRP B 202 -4.96 15.01 4.39
N LEU B 203 -6.03 14.45 4.94
CA LEU B 203 -6.03 13.06 5.36
C LEU B 203 -6.03 12.11 4.17
N SER B 204 -6.48 12.55 3.01
CA SER B 204 -6.61 11.72 1.83
C SER B 204 -5.70 12.18 0.69
N ALA B 205 -4.59 12.84 1.04
CA ALA B 205 -3.75 13.48 0.04
C ALA B 205 -2.98 12.48 -0.80
N ASP B 206 -2.87 11.22 -0.34
CA ASP B 206 -2.17 10.18 -1.05
C ASP B 206 -3.13 9.30 -1.84
N GLY B 207 -4.40 9.70 -1.95
CA GLY B 207 -5.42 8.94 -2.64
C GLY B 207 -6.13 7.88 -1.81
N GLN B 208 -5.73 7.66 -0.57
CA GLN B 208 -6.34 6.70 0.33
C GLN B 208 -7.16 7.45 1.39
N GLU B 209 -7.70 6.70 2.36
CA GLU B 209 -8.52 7.25 3.44
C GLU B 209 -7.98 6.76 4.78
N ARG B 210 -6.79 7.25 5.15
CA ARG B 210 -6.19 6.83 6.41
C ARG B 210 -7.07 7.29 7.57
N PRO B 211 -7.08 6.55 8.66
CA PRO B 211 -7.92 6.92 9.81
C PRO B 211 -7.33 8.05 10.65
N PHE B 212 -6.00 8.16 10.67
CA PHE B 212 -5.29 9.14 11.49
C PHE B 212 -4.19 9.80 10.66
N PHE B 213 -3.64 10.91 11.16
CA PHE B 213 -2.67 11.68 10.39
C PHE B 213 -1.43 10.85 10.05
N MET B 214 -0.94 10.06 11.00
CA MET B 214 0.23 9.25 10.73
C MET B 214 -0.09 8.00 9.93
N GLY B 215 -1.37 7.68 9.75
CA GLY B 215 -1.78 6.45 9.11
C GLY B 215 -2.75 5.66 9.98
N GLU B 216 -2.30 4.49 10.46
CA GLU B 216 -3.10 3.68 11.37
C GLU B 216 -2.72 3.90 12.83
N LYS B 217 -1.56 4.51 13.08
CA LYS B 217 -1.12 4.84 14.42
C LYS B 217 -1.62 6.25 14.77
N LEU B 218 -2.15 6.40 15.97
CA LEU B 218 -2.73 7.67 16.41
C LEU B 218 -1.70 8.49 17.16
N CYS B 219 -1.82 9.82 17.08
CA CYS B 219 -0.87 10.70 17.77
C CYS B 219 -1.62 11.91 18.31
N TYR B 220 -0.86 12.91 18.75
CA TYR B 220 -1.46 14.05 19.45
C TYR B 220 -2.32 14.88 18.52
N THR B 221 -1.98 14.96 17.23
CA THR B 221 -2.79 15.84 16.39
C THR B 221 -4.16 15.24 16.12
N ASP B 222 -4.31 13.91 16.24
CA ASP B 222 -5.64 13.30 16.17
C ASP B 222 -6.43 13.59 17.43
N ILE B 223 -5.75 13.55 18.58
CA ILE B 223 -6.36 13.93 19.85
C ILE B 223 -6.88 15.36 19.78
N VAL B 224 -6.09 16.29 19.22
CA VAL B 224 -6.51 17.69 19.12
C VAL B 224 -7.81 17.79 18.35
N VAL B 225 -7.87 17.17 17.17
CA VAL B 225 -9.09 17.24 16.37
C VAL B 225 -10.25 16.63 17.13
N GLY B 226 -10.01 15.51 17.81
CA GLY B 226 -11.08 14.87 18.57
C GLY B 226 -11.57 15.73 19.72
N ALA B 227 -10.66 16.44 20.39
CA ALA B 227 -11.04 17.26 21.53
C ALA B 227 -12.02 18.35 21.10
N TRP B 228 -11.78 18.98 19.95
CA TRP B 228 -12.73 19.98 19.46
C TRP B 228 -14.02 19.34 19.01
N LEU B 229 -13.96 18.15 18.40
CA LEU B 229 -15.20 17.47 18.01
C LEU B 229 -16.01 17.07 19.22
N ILE B 230 -15.35 16.51 20.24
CA ILE B 230 -16.02 16.12 21.47
C ILE B 230 -16.67 17.33 22.13
N SER B 231 -15.99 18.49 22.05
CA SER B 231 -16.55 19.72 22.62
C SER B 231 -17.83 20.14 21.91
N VAL B 232 -17.82 20.13 20.57
CA VAL B 232 -19.02 20.50 19.82
C VAL B 232 -20.16 19.54 20.15
N LYS B 233 -19.87 18.25 20.22
CA LYS B 233 -20.91 17.28 20.52
C LYS B 233 -21.44 17.45 21.94
N LYS B 234 -20.55 17.65 22.91
CA LYS B 234 -20.98 17.84 24.29
C LYS B 234 -21.77 19.13 24.46
N VAL B 235 -21.40 20.20 23.75
CA VAL B 235 -22.06 21.48 23.93
C VAL B 235 -23.40 21.53 23.17
N PHE B 236 -23.43 20.97 21.97
CA PHE B 236 -24.66 21.04 21.18
C PHE B 236 -25.66 19.96 21.56
N GLY B 237 -25.19 18.81 22.07
CA GLY B 237 -26.06 17.68 22.32
C GLY B 237 -26.03 16.67 21.19
N SER B 238 -25.84 15.39 21.51
CA SER B 238 -25.56 14.38 20.47
C SER B 238 -26.71 14.17 19.51
N ASP B 239 -27.89 14.75 19.76
CA ASP B 239 -29.00 14.68 18.81
C ASP B 239 -29.36 16.04 18.23
N HIS B 240 -28.54 17.05 18.44
CA HIS B 240 -28.77 18.36 17.86
C HIS B 240 -28.63 18.27 16.34
N PRO B 241 -29.53 18.90 15.59
CA PRO B 241 -29.47 18.78 14.11
C PRO B 241 -28.16 19.27 13.52
N GLU B 242 -27.49 20.21 14.17
CA GLU B 242 -26.22 20.70 13.66
C GLU B 242 -25.08 19.76 14.02
N TRP B 243 -25.16 19.08 15.16
CA TRP B 243 -24.20 18.02 15.43
C TRP B 243 -24.44 16.82 14.52
N LEU B 244 -25.70 16.49 14.24
CA LEU B 244 -25.99 15.34 13.41
C LEU B 244 -25.50 15.54 11.98
N GLN B 245 -25.41 16.79 11.52
CA GLN B 245 -24.80 17.03 10.21
C GLN B 245 -23.30 16.76 10.24
N VAL B 246 -22.62 17.25 11.29
CA VAL B 246 -21.18 17.03 11.43
C VAL B 246 -20.86 15.55 11.39
N GLU B 247 -21.76 14.73 11.96
CA GLU B 247 -21.57 13.28 11.94
C GLU B 247 -21.46 12.73 10.52
N LYS B 248 -22.05 13.42 9.53
CA LYS B 248 -22.09 12.90 8.16
C LYS B 248 -21.07 13.56 7.23
N TRP B 249 -20.55 14.74 7.59
CA TRP B 249 -19.59 15.44 6.75
C TRP B 249 -18.42 14.53 6.37
N ASP B 250 -17.93 14.72 5.15
CA ASP B 250 -16.71 14.08 4.65
C ASP B 250 -16.75 12.55 4.86
N GLY B 251 -17.84 11.92 4.43
CA GLY B 251 -17.97 10.48 4.55
C GLY B 251 -18.12 9.96 5.96
N GLY B 252 -18.47 10.82 6.92
CA GLY B 252 -18.59 10.38 8.29
C GLY B 252 -17.27 10.20 9.00
N ARG B 253 -16.19 10.78 8.47
CA ARG B 253 -14.88 10.65 9.08
C ARG B 253 -14.87 11.23 10.49
N TRP B 254 -15.49 12.40 10.68
CA TRP B 254 -15.51 13.01 12.01
C TRP B 254 -16.29 12.14 12.99
N SER B 255 -17.37 11.51 12.53
CA SER B 255 -18.08 10.54 13.35
C SER B 255 -17.16 9.39 13.75
N ARG B 256 -16.32 8.92 12.83
CA ARG B 256 -15.45 7.80 13.19
C ARG B 256 -14.41 8.23 14.23
N LEU B 257 -13.87 9.45 14.12
CA LEU B 257 -12.89 9.90 15.09
C LEU B 257 -13.51 10.05 16.48
N VAL B 258 -14.72 10.62 16.57
CA VAL B 258 -15.37 10.79 17.87
C VAL B 258 -15.59 9.44 18.52
N GLN B 259 -16.10 8.48 17.76
CA GLN B 259 -16.19 7.09 18.19
C GLN B 259 -14.87 6.59 18.77
N VAL B 260 -13.76 6.88 18.09
CA VAL B 260 -12.45 6.42 18.57
C VAL B 260 -12.16 7.01 19.95
N VAL B 261 -12.27 8.35 20.09
CA VAL B 261 -11.79 8.94 21.32
C VAL B 261 -12.78 8.73 22.46
N GLU B 262 -14.07 8.55 22.15
CA GLU B 262 -15.02 8.26 23.22
C GLU B 262 -14.70 6.92 23.88
N ASN B 263 -14.24 5.95 23.08
CA ASN B 263 -13.98 4.59 23.56
C ASN B 263 -12.54 4.38 24.02
N PHE B 264 -11.81 5.46 24.31
CA PHE B 264 -10.49 5.35 24.93
C PHE B 264 -10.58 4.64 26.27
N SER C 7 34.35 -5.82 -18.49
CA SER C 7 33.83 -5.36 -19.78
C SER C 7 32.49 -6.05 -20.11
N HIS C 8 31.76 -5.44 -21.03
CA HIS C 8 30.53 -6.04 -21.55
C HIS C 8 30.75 -6.72 -22.90
N MET C 9 32.00 -7.04 -23.22
CA MET C 9 32.32 -7.84 -24.39
C MET C 9 32.32 -9.30 -23.98
N ILE C 10 31.49 -10.13 -24.63
CA ILE C 10 31.44 -11.56 -24.36
C ILE C 10 31.25 -12.34 -25.65
N GLN C 11 31.50 -13.64 -25.58
CA GLN C 11 31.19 -14.54 -26.68
C GLN C 11 29.68 -14.82 -26.71
N GLN C 12 29.17 -15.03 -27.91
CA GLN C 12 27.77 -15.41 -28.05
C GLN C 12 27.48 -16.70 -27.30
N ILE C 13 26.34 -16.73 -26.62
CA ILE C 13 25.88 -17.96 -25.96
C ILE C 13 25.31 -18.89 -27.01
N HIS C 14 25.57 -20.19 -26.87
CA HIS C 14 25.00 -21.18 -27.76
C HIS C 14 23.63 -21.58 -27.23
N PHE C 15 22.59 -21.24 -27.96
CA PHE C 15 21.21 -21.51 -27.53
C PHE C 15 20.63 -22.54 -28.48
N TYR C 16 20.23 -23.70 -27.94
CA TYR C 16 19.80 -24.83 -28.75
C TYR C 16 18.27 -24.84 -28.82
N ASP C 17 17.74 -24.83 -30.04
CA ASP C 17 16.32 -24.61 -30.28
C ASP C 17 15.84 -25.63 -31.30
N ILE C 18 14.53 -25.79 -31.36
CA ILE C 18 13.89 -26.83 -32.18
C ILE C 18 13.25 -26.11 -33.36
N PRO C 19 13.67 -26.40 -34.60
CA PRO C 19 13.10 -25.71 -35.74
C PRO C 19 11.73 -26.28 -36.10
N ARG C 20 10.98 -25.50 -36.86
CA ARG C 20 9.84 -25.97 -37.62
C ARG C 20 10.12 -25.70 -39.09
N ASN C 21 9.29 -26.28 -39.96
CA ASN C 21 9.49 -26.21 -41.42
C ASN C 21 9.18 -24.84 -42.00
N ARG C 22 10.02 -23.86 -41.68
CA ARG C 22 9.92 -22.50 -42.18
C ARG C 22 11.33 -21.97 -42.37
N ASP C 23 11.42 -20.85 -43.06
CA ASP C 23 12.68 -20.15 -43.23
C ASP C 23 13.14 -19.53 -41.91
N GLU C 24 14.42 -19.13 -41.88
CA GLU C 24 15.16 -18.91 -40.65
C GLU C 24 14.48 -17.93 -39.70
N ASP C 25 13.97 -16.81 -40.22
CA ASP C 25 13.40 -15.76 -39.37
C ASP C 25 12.04 -16.13 -38.79
N ASP C 26 11.43 -17.25 -39.22
CA ASP C 26 10.21 -17.75 -38.61
C ASP C 26 10.36 -19.20 -38.14
N ARG C 27 11.59 -19.61 -37.86
CA ARG C 27 11.94 -21.00 -37.55
C ARG C 27 11.62 -21.35 -36.10
N THR C 28 11.66 -20.36 -35.20
CA THR C 28 11.41 -20.65 -33.81
C THR C 28 9.90 -20.71 -33.55
N TRP C 29 9.51 -21.51 -32.56
CA TRP C 29 8.09 -21.78 -32.31
C TRP C 29 7.82 -22.37 -30.93
N ASN C 30 8.77 -23.10 -30.38
CA ASN C 30 8.51 -23.99 -29.25
C ASN C 30 8.31 -23.22 -27.94
N PRO C 31 7.32 -23.60 -27.12
CA PRO C 31 7.08 -22.83 -25.88
C PRO C 31 8.18 -22.98 -24.85
N ASN C 32 8.74 -24.18 -24.67
CA ASN C 32 9.76 -24.38 -23.64
C ASN C 32 11.05 -23.68 -24.01
N THR C 33 11.53 -23.86 -25.25
CA THR C 33 12.73 -23.12 -25.66
C THR C 33 12.47 -21.62 -25.61
N SER C 34 11.25 -21.19 -25.95
CA SER C 34 10.91 -19.78 -25.90
C SER C 34 11.16 -19.17 -24.52
N LYS C 35 10.93 -19.95 -23.45
CA LYS C 35 11.26 -19.50 -22.10
C LYS C 35 12.68 -18.96 -22.01
N THR C 36 13.64 -19.75 -22.50
CA THR C 36 15.05 -19.37 -22.44
C THR C 36 15.37 -18.28 -23.46
N ARG C 37 14.72 -18.34 -24.63
CA ARG C 37 14.91 -17.30 -25.64
C ARG C 37 14.52 -15.93 -25.07
N LEU C 38 13.37 -15.86 -24.41
CA LEU C 38 12.94 -14.64 -23.76
C LEU C 38 13.86 -14.26 -22.60
N THR C 39 14.42 -15.24 -21.90
CA THR C 39 15.34 -14.89 -20.82
C THR C 39 16.62 -14.28 -21.37
N LEU C 40 17.15 -14.83 -22.47
CA LEU C 40 18.35 -14.27 -23.07
C LEU C 40 18.12 -12.84 -23.53
N THR C 41 17.04 -12.61 -24.27
CA THR C 41 16.82 -11.29 -24.85
C THR C 41 16.40 -10.28 -23.79
N TYR C 42 15.65 -10.71 -22.77
CA TYR C 42 15.34 -9.81 -21.66
C TYR C 42 16.61 -9.29 -21.00
N LYS C 43 17.58 -10.18 -20.76
CA LYS C 43 18.85 -9.78 -20.17
C LYS C 43 19.79 -9.18 -21.19
N ARG C 44 19.35 -9.04 -22.45
CA ARG C 44 20.13 -8.46 -23.54
C ARG C 44 21.47 -9.17 -23.73
N LEU C 45 21.46 -10.48 -23.57
CA LEU C 45 22.65 -11.30 -23.77
C LEU C 45 22.75 -11.78 -25.21
N PRO C 46 23.90 -11.65 -25.87
CA PRO C 46 24.03 -12.12 -27.25
C PRO C 46 24.00 -13.65 -27.33
N TYR C 47 23.40 -14.17 -28.39
CA TYR C 47 23.28 -15.61 -28.55
C TYR C 47 23.16 -15.98 -30.03
N LYS C 48 23.54 -17.21 -30.35
CA LYS C 48 23.27 -17.81 -31.65
C LYS C 48 22.38 -19.03 -31.44
N THR C 49 21.53 -19.30 -32.42
CA THR C 49 20.63 -20.45 -32.36
C THR C 49 21.24 -21.62 -33.15
N ILE C 50 21.33 -22.79 -32.50
CA ILE C 50 21.67 -24.04 -33.18
C ILE C 50 20.41 -24.89 -33.21
N TRP C 51 19.97 -25.24 -34.42
CA TRP C 51 18.72 -25.96 -34.58
C TRP C 51 18.94 -27.46 -34.37
N VAL C 52 18.02 -28.08 -33.65
CA VAL C 52 18.09 -29.51 -33.34
C VAL C 52 16.70 -30.10 -33.50
N GLU C 53 16.56 -31.07 -34.40
CA GLU C 53 15.29 -31.77 -34.55
C GLU C 53 15.05 -32.67 -33.35
N TYR C 54 13.76 -32.94 -33.07
CA TYR C 54 13.37 -33.73 -31.90
C TYR C 54 14.17 -35.02 -31.74
N PRO C 55 14.28 -35.91 -32.75
CA PRO C 55 14.97 -37.20 -32.53
C PRO C 55 16.44 -37.06 -32.26
N ASP C 56 17.02 -35.91 -32.55
CA ASP C 56 18.45 -35.67 -32.32
C ASP C 56 18.75 -34.99 -30.98
N ILE C 57 17.74 -34.60 -30.20
CA ILE C 57 18.00 -33.85 -28.97
C ILE C 57 18.89 -34.67 -28.03
N GLU C 58 18.52 -35.93 -27.79
CA GLU C 58 19.28 -36.79 -26.88
C GLU C 58 20.76 -36.84 -27.27
N ARG C 59 21.04 -37.19 -28.53
CA ARG C 59 22.43 -37.34 -28.95
C ARG C 59 23.18 -36.04 -28.86
N VAL C 60 22.53 -34.92 -29.21
CA VAL C 60 23.22 -33.64 -29.12
C VAL C 60 23.55 -33.34 -27.67
N CYS C 61 22.61 -33.67 -26.77
CA CYS C 61 22.82 -33.41 -25.35
C CYS C 61 24.01 -34.20 -24.82
N LYS C 62 24.09 -35.50 -25.14
CA LYS C 62 25.21 -36.28 -24.66
C LYS C 62 26.52 -35.79 -25.26
N GLU C 63 26.46 -35.24 -26.47
CA GLU C 63 27.67 -34.79 -27.14
C GLU C 63 28.25 -33.55 -26.47
N ILE C 64 27.39 -32.60 -26.09
CA ILE C 64 27.87 -31.33 -25.57
C ILE C 64 27.79 -31.28 -24.04
N GLY C 65 27.46 -32.39 -23.39
CA GLY C 65 27.47 -32.43 -21.95
C GLY C 65 26.27 -31.79 -21.28
N ALA C 66 25.09 -31.86 -21.90
CA ALA C 66 23.87 -31.37 -21.29
C ALA C 66 23.22 -32.50 -20.50
N GLU C 67 22.96 -32.23 -19.22
CA GLU C 67 22.24 -33.15 -18.35
C GLU C 67 20.80 -33.31 -18.84
N PRO C 68 20.17 -34.45 -18.54
CA PRO C 68 18.73 -34.58 -18.79
C PRO C 68 17.94 -33.74 -17.80
N SER C 69 16.71 -33.41 -18.20
CA SER C 69 15.87 -32.53 -17.40
C SER C 69 14.86 -33.27 -16.54
N ALA C 70 14.57 -34.54 -16.85
CA ALA C 70 13.66 -35.33 -16.04
C ALA C 70 14.04 -36.80 -16.22
N PHE C 71 13.20 -37.69 -15.69
CA PHE C 71 13.44 -39.12 -15.78
C PHE C 71 12.11 -39.82 -16.05
N GLY C 72 12.09 -40.69 -17.06
CA GLY C 72 10.98 -41.58 -17.31
C GLY C 72 9.82 -41.02 -18.10
N LEU C 73 9.88 -39.76 -18.55
CA LEU C 73 8.72 -39.13 -19.18
C LEU C 73 8.30 -39.80 -20.49
N LEU C 74 9.20 -40.51 -21.17
CA LEU C 74 8.82 -41.17 -22.42
C LEU C 74 8.89 -42.69 -22.34
N LYS C 75 9.93 -43.25 -21.75
CA LYS C 75 9.97 -44.67 -21.40
C LYS C 75 10.29 -44.81 -19.92
N GLU C 76 9.89 -45.95 -19.36
CA GLU C 76 9.72 -46.08 -17.92
C GLU C 76 11.01 -45.82 -17.15
N GLY C 77 12.14 -46.33 -17.66
CA GLY C 77 13.39 -46.22 -16.92
C GLY C 77 14.50 -45.45 -17.61
N LYS C 78 14.16 -44.62 -18.59
CA LYS C 78 15.22 -43.94 -19.34
C LYS C 78 15.20 -42.44 -19.09
N PRO C 79 16.37 -41.81 -18.96
CA PRO C 79 16.41 -40.37 -18.73
C PRO C 79 15.84 -39.61 -19.93
N TYR C 80 15.32 -38.43 -19.66
CA TYR C 80 14.61 -37.60 -20.64
C TYR C 80 15.46 -36.37 -20.93
N TYR C 81 16.01 -36.33 -22.13
CA TYR C 81 16.83 -35.21 -22.59
C TYR C 81 15.98 -34.24 -23.39
N SER C 82 16.03 -32.97 -23.04
CA SER C 82 15.16 -31.99 -23.66
C SER C 82 15.91 -30.70 -23.98
N LEU C 83 15.32 -29.93 -24.90
CA LEU C 83 15.63 -28.52 -25.09
C LEU C 83 14.54 -27.71 -24.39
N PRO C 84 14.85 -26.47 -23.96
CA PRO C 84 16.06 -25.69 -24.23
C PRO C 84 17.30 -26.18 -23.50
N VAL C 85 18.42 -25.84 -24.11
CA VAL C 85 19.76 -26.05 -23.56
C VAL C 85 20.54 -24.83 -23.98
N ILE C 86 21.45 -24.34 -23.12
CA ILE C 86 22.42 -23.34 -23.56
C ILE C 86 23.82 -23.85 -23.24
N HIS C 87 24.77 -23.47 -24.08
CA HIS C 87 26.18 -23.62 -23.75
C HIS C 87 26.78 -22.23 -23.78
N ASP C 88 27.41 -21.85 -22.67
CA ASP C 88 27.99 -20.53 -22.50
C ASP C 88 29.50 -20.68 -22.57
N PRO C 89 30.13 -20.37 -23.71
CA PRO C 89 31.58 -20.55 -23.83
C PRO C 89 32.37 -19.54 -23.02
N ASN C 90 31.72 -18.48 -22.53
CA ASN C 90 32.41 -17.56 -21.63
C ASN C 90 32.84 -18.27 -20.35
N THR C 91 32.08 -19.26 -19.90
CA THR C 91 32.44 -20.05 -18.73
C THR C 91 32.66 -21.52 -19.04
N GLY C 92 32.44 -21.95 -20.28
CA GLY C 92 32.52 -23.37 -20.58
C GLY C 92 31.45 -24.22 -19.91
N THR C 93 30.36 -23.61 -19.45
CA THR C 93 29.28 -24.33 -18.79
C THR C 93 28.15 -24.64 -19.77
N THR C 94 27.52 -25.80 -19.56
CA THR C 94 26.36 -26.24 -20.34
C THR C 94 25.21 -26.46 -19.36
N ILE C 95 24.05 -25.90 -19.66
CA ILE C 95 22.91 -25.99 -18.76
C ILE C 95 21.67 -26.39 -19.56
N SER C 96 20.91 -27.33 -19.02
CA SER C 96 19.61 -27.71 -19.56
C SER C 96 18.53 -27.37 -18.54
N ASP C 97 17.29 -27.31 -19.03
CA ASP C 97 16.05 -26.94 -18.35
C ASP C 97 15.95 -25.44 -18.18
N SER C 98 14.86 -24.86 -18.70
CA SER C 98 14.68 -23.42 -18.75
C SER C 98 14.82 -22.78 -17.37
N ILE C 99 14.38 -23.46 -16.32
CA ILE C 99 14.53 -22.91 -14.97
C ILE C 99 16.00 -22.86 -14.56
N ARG C 100 16.76 -23.94 -14.85
CA ARG C 100 18.16 -23.94 -14.46
C ARG C 100 18.98 -23.00 -15.34
N ILE C 101 18.58 -22.84 -16.61
CA ILE C 101 19.22 -21.82 -17.44
C ILE C 101 18.94 -20.42 -16.88
N ALA C 102 17.71 -20.18 -16.40
CA ALA C 102 17.39 -18.88 -15.80
C ALA C 102 18.22 -18.63 -14.54
N ARG C 103 18.28 -19.62 -13.63
CA ARG C 103 19.20 -19.55 -12.51
C ARG C 103 20.62 -19.23 -12.97
N TYR C 104 21.11 -19.98 -13.96
CA TYR C 104 22.49 -19.81 -14.38
C TYR C 104 22.75 -18.37 -14.84
N LEU C 105 21.83 -17.78 -15.60
CA LEU C 105 22.07 -16.45 -16.16
C LEU C 105 21.94 -15.34 -15.11
N ASP C 106 21.10 -15.51 -14.09
CA ASP C 106 21.07 -14.54 -12.98
C ASP C 106 22.43 -14.45 -12.30
N LYS C 107 22.97 -15.60 -11.88
CA LYS C 107 24.19 -15.62 -11.08
C LYS C 107 25.44 -15.35 -11.92
N THR C 108 25.45 -15.72 -13.21
CA THR C 108 26.64 -15.49 -14.03
C THR C 108 26.72 -14.06 -14.52
N TYR C 109 25.58 -13.42 -14.75
CA TYR C 109 25.51 -12.04 -15.21
C TYR C 109 24.69 -11.23 -14.22
N PRO C 110 25.23 -11.01 -13.00
CA PRO C 110 24.42 -10.39 -11.95
C PRO C 110 23.98 -8.97 -12.24
N ASP C 111 24.55 -8.30 -13.25
CA ASP C 111 24.13 -6.93 -13.57
C ASP C 111 22.98 -6.89 -14.55
N THR C 112 22.47 -8.02 -14.96
CA THR C 112 21.27 -8.12 -15.75
C THR C 112 20.07 -8.26 -14.82
N PRO C 113 18.88 -7.84 -15.23
CA PRO C 113 17.71 -7.95 -14.34
C PRO C 113 17.50 -9.38 -13.92
N ALA C 114 17.54 -9.60 -12.61
CA ALA C 114 17.35 -10.92 -12.04
C ALA C 114 15.95 -11.41 -12.35
N VAL C 115 15.83 -12.72 -12.55
CA VAL C 115 14.58 -13.24 -13.08
C VAL C 115 14.01 -14.29 -12.12
N ILE C 116 14.89 -14.98 -11.39
CA ILE C 116 14.38 -15.97 -10.47
C ILE C 116 15.17 -15.92 -9.17
N PRO C 117 14.96 -14.88 -8.35
CA PRO C 117 15.62 -14.81 -7.04
C PRO C 117 15.15 -15.90 -6.11
N ALA C 118 15.98 -16.14 -5.08
CA ALA C 118 15.73 -17.25 -4.15
C ALA C 118 14.31 -17.24 -3.60
N GLU C 119 13.78 -16.05 -3.30
CA GLU C 119 12.49 -15.91 -2.62
C GLU C 119 11.33 -16.30 -3.51
N LEU C 120 11.56 -16.39 -4.81
CA LEU C 120 10.56 -16.81 -5.79
C LEU C 120 10.52 -18.32 -6.03
N GLU C 121 11.60 -19.03 -5.71
CA GLU C 121 11.80 -20.39 -6.21
C GLU C 121 10.66 -21.34 -5.83
N ALA C 122 10.16 -21.25 -4.59
CA ALA C 122 9.09 -22.14 -4.18
C ALA C 122 7.74 -21.71 -4.76
N PHE C 123 7.46 -20.40 -4.78
CA PHE C 123 6.20 -19.96 -5.35
C PHE C 123 6.14 -20.24 -6.84
N HIS C 124 7.29 -20.21 -7.52
CA HIS C 124 7.27 -20.51 -8.95
C HIS C 124 7.08 -22.00 -9.22
N ALA C 125 7.62 -22.87 -8.36
CA ALA C 125 7.35 -24.30 -8.50
C ALA C 125 5.88 -24.61 -8.23
N VAL C 126 5.26 -23.89 -7.30
CA VAL C 126 3.81 -23.98 -7.15
C VAL C 126 3.12 -23.60 -8.44
N PHE C 127 3.54 -22.47 -9.04
CA PHE C 127 2.95 -22.00 -10.29
C PHE C 127 3.06 -23.05 -11.40
N GLU C 128 4.23 -23.70 -11.53
CA GLU C 128 4.41 -24.61 -12.67
C GLU C 128 3.43 -25.77 -12.63
N ASP C 129 3.12 -26.28 -11.43
CA ASP C 129 2.09 -27.31 -11.31
C ASP C 129 0.68 -26.76 -11.46
N ALA C 130 0.41 -25.57 -10.91
CA ALA C 130 -0.87 -24.92 -11.17
C ALA C 130 -1.06 -24.67 -12.65
N PHE C 131 -0.07 -24.06 -13.30
CA PHE C 131 -0.11 -23.82 -14.74
C PHE C 131 -0.35 -25.11 -15.52
N TRP C 132 0.25 -26.22 -15.07
CA TRP C 132 0.09 -27.49 -15.77
C TRP C 132 -1.38 -27.93 -15.82
N ASP C 133 -2.05 -27.91 -14.66
CA ASP C 133 -3.46 -28.28 -14.63
C ASP C 133 -4.34 -27.21 -15.28
N THR C 134 -4.02 -25.93 -15.08
CA THR C 134 -4.96 -24.87 -15.43
C THR C 134 -4.85 -24.46 -16.90
N ILE C 135 -3.64 -24.43 -17.45
CA ILE C 135 -3.40 -23.89 -18.78
C ILE C 135 -2.87 -24.96 -19.73
N PHE C 136 -1.82 -25.67 -19.33
CA PHE C 136 -1.16 -26.60 -20.25
C PHE C 136 -2.09 -27.73 -20.68
N MET C 137 -2.76 -28.38 -19.72
CA MET C 137 -3.71 -29.44 -20.06
C MET C 137 -4.79 -28.97 -21.01
N PRO C 138 -5.50 -27.85 -20.76
CA PRO C 138 -6.49 -27.38 -21.76
C PRO C 138 -5.85 -26.91 -23.06
N LEU C 139 -4.61 -26.45 -23.02
CA LEU C 139 -3.98 -25.91 -24.23
C LEU C 139 -3.46 -27.01 -25.16
N PHE C 140 -3.12 -28.16 -24.62
CA PHE C 140 -2.50 -29.28 -25.32
C PHE C 140 -3.27 -29.70 -26.57
N PRO C 141 -4.56 -30.03 -26.49
CA PRO C 141 -5.27 -30.44 -27.71
C PRO C 141 -5.43 -29.34 -28.75
N PHE C 142 -5.02 -28.11 -28.47
CA PHE C 142 -5.00 -27.05 -29.48
C PHE C 142 -3.60 -26.82 -30.05
N LEU C 143 -2.59 -26.73 -29.19
CA LEU C 143 -1.24 -26.38 -29.66
C LEU C 143 -0.53 -27.57 -30.28
N VAL C 144 -0.68 -28.76 -29.71
CA VAL C 144 0.09 -29.92 -30.14
C VAL C 144 -0.35 -30.37 -31.54
N PRO C 145 -1.65 -30.58 -31.82
CA PRO C 145 -2.04 -30.88 -33.21
C PRO C 145 -1.77 -29.73 -34.19
N ALA C 146 -1.82 -28.47 -33.75
CA ALA C 146 -1.50 -27.39 -34.67
C ALA C 146 0.00 -27.37 -35.00
N ALA C 147 0.85 -27.60 -34.00
CA ALA C 147 2.28 -27.52 -34.22
C ALA C 147 2.82 -28.70 -35.00
N CYS C 148 2.18 -29.87 -34.87
CA CYS C 148 2.75 -31.10 -35.40
C CYS C 148 3.03 -31.05 -36.90
N PRO C 149 2.05 -30.75 -37.77
CA PRO C 149 2.34 -30.74 -39.21
C PRO C 149 3.21 -29.59 -39.67
N GLN C 150 3.64 -28.70 -38.77
CA GLN C 150 4.55 -27.62 -39.13
C GLN C 150 6.01 -28.01 -38.93
N LEU C 151 6.26 -29.12 -38.25
CA LEU C 151 7.62 -29.60 -38.04
C LEU C 151 8.22 -30.23 -39.31
N ASN C 152 9.55 -30.19 -39.37
CA ASN C 152 10.27 -30.92 -40.41
C ASN C 152 9.98 -32.42 -40.27
N PRO C 153 9.94 -33.16 -41.40
CA PRO C 153 9.43 -34.54 -41.37
C PRO C 153 10.03 -35.48 -40.34
N ARG C 154 11.32 -35.36 -40.03
CA ARG C 154 11.87 -36.21 -38.96
C ARG C 154 11.31 -35.80 -37.58
N SER C 155 11.17 -34.52 -37.33
CA SER C 155 10.53 -34.11 -36.07
C SER C 155 9.06 -34.49 -36.05
N GLU C 156 8.36 -34.31 -37.18
CA GLU C 156 6.93 -34.60 -37.26
C GLU C 156 6.64 -36.05 -36.88
N ALA C 157 7.43 -37.00 -37.38
CA ALA C 157 7.15 -38.40 -37.08
C ALA C 157 7.41 -38.71 -35.60
N TYR C 158 8.51 -38.22 -35.05
CA TYR C 158 8.82 -38.44 -33.64
C TYR C 158 7.82 -37.72 -32.74
N PHE C 159 7.43 -36.50 -33.11
CA PHE C 159 6.49 -35.74 -32.30
C PHE C 159 5.13 -36.43 -32.27
N ARG C 160 4.59 -36.77 -33.44
CA ARG C 160 3.30 -37.43 -33.53
C ARG C 160 3.31 -38.74 -32.76
N GLU C 161 4.36 -39.54 -32.91
CA GLU C 161 4.37 -40.86 -32.31
C GLU C 161 4.51 -40.79 -30.80
N THR C 162 5.39 -39.92 -30.30
CA THR C 162 5.57 -39.83 -28.87
C THR C 162 4.35 -39.22 -28.18
N ARG C 163 3.77 -38.17 -28.76
CA ARG C 163 2.70 -37.44 -28.07
C ARG C 163 1.35 -38.16 -28.20
N GLU C 164 1.10 -38.81 -29.33
CA GLU C 164 -0.05 -39.71 -29.41
C GLU C 164 0.13 -40.91 -28.49
N GLY C 165 1.38 -41.31 -28.23
CA GLY C 165 1.62 -42.43 -27.36
C GLY C 165 1.45 -42.13 -25.90
N LYS C 166 1.78 -40.91 -25.46
CA LYS C 166 1.68 -40.56 -24.06
C LYS C 166 0.33 -39.97 -23.68
N PHE C 167 -0.26 -39.13 -24.55
CA PHE C 167 -1.50 -38.44 -24.24
C PHE C 167 -2.69 -38.94 -25.05
N GLY C 168 -2.49 -39.88 -25.96
CA GLY C 168 -3.51 -40.16 -26.96
C GLY C 168 -4.80 -40.71 -26.40
N SER C 169 -4.71 -41.58 -25.40
CA SER C 169 -5.92 -42.23 -24.89
C SER C 169 -6.83 -41.25 -24.16
N ILE C 170 -6.24 -40.22 -23.53
CA ILE C 170 -7.00 -39.26 -22.75
C ILE C 170 -7.74 -38.24 -23.63
N LEU C 171 -7.35 -38.09 -24.89
CA LEU C 171 -7.91 -37.06 -25.76
C LEU C 171 -8.65 -37.61 -26.96
N GLY C 172 -8.62 -38.92 -27.20
CA GLY C 172 -9.38 -39.50 -28.29
C GLY C 172 -8.56 -40.18 -29.36
N GLY C 173 -7.38 -40.67 -28.99
CA GLY C 173 -6.56 -41.44 -29.92
C GLY C 173 -5.59 -40.53 -30.71
N LYS C 174 -5.93 -40.28 -31.97
CA LYS C 174 -5.01 -39.59 -32.86
C LYS C 174 -5.36 -38.10 -32.90
N MET C 175 -4.35 -37.29 -33.26
CA MET C 175 -4.43 -35.86 -33.04
C MET C 175 -5.65 -35.22 -33.69
N GLU C 176 -6.11 -35.77 -34.81
CA GLU C 176 -7.28 -35.21 -35.49
C GLU C 176 -8.57 -35.37 -34.68
N ASN C 177 -8.55 -36.17 -33.61
CA ASN C 177 -9.72 -36.35 -32.75
C ASN C 177 -9.70 -35.52 -31.48
N TRP C 178 -8.57 -34.88 -31.16
CA TRP C 178 -8.45 -34.20 -29.87
C TRP C 178 -9.31 -32.95 -29.83
N ALA C 179 -9.39 -32.23 -30.94
CA ALA C 179 -10.19 -31.02 -30.95
C ALA C 179 -10.78 -30.79 -32.34
N PRO C 180 -11.57 -31.74 -32.87
CA PRO C 180 -12.11 -31.56 -34.22
C PRO C 180 -13.18 -30.46 -34.23
N THR C 181 -13.11 -29.59 -35.23
CA THR C 181 -14.05 -28.47 -35.30
C THR C 181 -15.47 -29.01 -35.34
N GLY C 182 -16.37 -28.32 -34.64
CA GLY C 182 -17.63 -28.87 -34.25
C GLY C 182 -17.69 -28.89 -32.73
N PRO C 183 -18.62 -29.67 -32.17
CA PRO C 183 -18.91 -29.54 -30.73
C PRO C 183 -17.73 -29.82 -29.83
N VAL C 184 -16.79 -30.68 -30.25
CA VAL C 184 -15.69 -31.03 -29.36
C VAL C 184 -14.67 -29.89 -29.28
N ARG C 185 -14.34 -29.28 -30.42
CA ARG C 185 -13.48 -28.10 -30.37
C ARG C 185 -14.13 -26.99 -29.56
N ASP C 186 -15.45 -26.83 -29.71
CA ASP C 186 -16.15 -25.78 -28.98
C ASP C 186 -16.03 -25.99 -27.47
N ASP C 187 -16.29 -27.22 -27.02
CA ASP C 187 -16.18 -27.54 -25.60
C ASP C 187 -14.77 -27.28 -25.08
N ARG C 188 -13.76 -27.81 -25.78
CA ARG C 188 -12.39 -27.64 -25.32
C ARG C 188 -11.98 -26.16 -25.36
N TRP C 189 -12.49 -25.42 -26.33
CA TRP C 189 -12.21 -23.97 -26.41
C TRP C 189 -12.76 -23.23 -25.19
N LYS C 190 -13.91 -23.67 -24.67
CA LYS C 190 -14.41 -23.02 -23.45
C LYS C 190 -13.53 -23.39 -22.26
N ALA C 191 -13.04 -24.63 -22.23
CA ALA C 191 -12.17 -25.05 -21.14
C ALA C 191 -10.90 -24.21 -21.14
N LEU C 192 -10.32 -23.97 -22.31
CA LEU C 192 -9.10 -23.16 -22.37
C LEU C 192 -9.38 -21.73 -21.89
N GLN C 193 -10.49 -21.16 -22.33
CA GLN C 193 -10.81 -19.79 -21.92
C GLN C 193 -10.99 -19.70 -20.41
N ALA C 194 -11.71 -20.66 -19.82
CA ALA C 194 -11.90 -20.69 -18.37
C ALA C 194 -10.58 -20.80 -17.63
N GLY C 195 -9.64 -21.57 -18.18
CA GLY C 195 -8.35 -21.69 -17.55
C GLY C 195 -7.60 -20.36 -17.52
N PHE C 196 -7.59 -19.66 -18.65
CA PHE C 196 -6.94 -18.36 -18.67
C PHE C 196 -7.62 -17.36 -17.75
N THR C 197 -8.95 -17.46 -17.59
CA THR C 197 -9.65 -16.56 -16.67
C THR C 197 -9.32 -16.90 -15.22
N LYS C 198 -9.15 -18.19 -14.90
CA LYS C 198 -8.66 -18.56 -13.58
C LYS C 198 -7.26 -18.00 -13.34
N MET C 199 -6.40 -18.04 -14.37
CA MET C 199 -5.08 -17.47 -14.22
C MET C 199 -5.16 -15.95 -14.01
N ALA C 200 -6.00 -15.27 -14.79
CA ALA C 200 -6.20 -13.84 -14.62
C ALA C 200 -6.72 -13.52 -13.23
N GLY C 201 -7.55 -14.40 -12.67
CA GLY C 201 -8.04 -14.23 -11.32
C GLY C 201 -6.94 -14.28 -10.27
N TRP C 202 -5.91 -15.10 -10.48
CA TRP C 202 -4.75 -15.07 -9.59
C TRP C 202 -4.12 -13.69 -9.59
N LEU C 203 -3.98 -13.07 -10.76
CA LEU C 203 -3.31 -11.78 -10.81
C LEU C 203 -4.18 -10.67 -10.24
N SER C 204 -5.50 -10.84 -10.18
CA SER C 204 -6.40 -9.84 -9.67
C SER C 204 -6.89 -10.14 -8.26
N ALA C 205 -6.25 -11.09 -7.56
CA ALA C 205 -6.79 -11.64 -6.32
C ALA C 205 -6.87 -10.63 -5.20
N ASP C 206 -6.11 -9.54 -5.27
CA ASP C 206 -6.17 -8.47 -4.29
C ASP C 206 -7.14 -7.38 -4.69
N GLY C 207 -7.85 -7.53 -5.81
CA GLY C 207 -8.79 -6.53 -6.28
C GLY C 207 -8.21 -5.47 -7.19
N GLN C 208 -6.90 -5.50 -7.43
CA GLN C 208 -6.26 -4.64 -8.43
C GLN C 208 -5.96 -5.46 -9.69
N GLU C 209 -5.38 -4.79 -10.68
CA GLU C 209 -4.95 -5.43 -11.92
C GLU C 209 -3.44 -5.24 -12.07
N ARG C 210 -2.65 -5.91 -11.23
CA ARG C 210 -1.20 -5.85 -11.41
C ARG C 210 -0.83 -6.38 -12.79
N PRO C 211 0.22 -5.82 -13.43
CA PRO C 211 0.60 -6.31 -14.77
C PRO C 211 1.40 -7.61 -14.73
N PHE C 212 2.15 -7.84 -13.65
CA PHE C 212 2.97 -9.03 -13.47
C PHE C 212 2.72 -9.63 -12.09
N PHE C 213 3.08 -10.92 -11.93
CA PHE C 213 2.77 -11.63 -10.69
C PHE C 213 3.24 -10.87 -9.46
N MET C 214 4.48 -10.38 -9.49
CA MET C 214 5.03 -9.68 -8.33
C MET C 214 4.41 -8.30 -8.12
N GLY C 215 3.76 -7.73 -9.14
CA GLY C 215 3.30 -6.35 -9.09
C GLY C 215 3.77 -5.57 -10.30
N GLU C 216 4.73 -4.65 -10.12
CA GLU C 216 5.28 -3.89 -11.24
C GLU C 216 6.53 -4.51 -11.84
N LYS C 217 7.34 -5.21 -11.03
CA LYS C 217 8.52 -5.86 -11.54
C LYS C 217 8.17 -7.24 -12.10
N LEU C 218 8.74 -7.57 -13.25
CA LEU C 218 8.52 -8.83 -13.95
C LEU C 218 9.52 -9.86 -13.46
N CYS C 219 9.11 -11.14 -13.45
CA CYS C 219 9.99 -12.20 -12.97
C CYS C 219 9.90 -13.40 -13.92
N TYR C 220 10.57 -14.49 -13.55
CA TYR C 220 10.59 -15.66 -14.44
C TYR C 220 9.18 -16.18 -14.71
N THR C 221 8.27 -16.05 -13.73
CA THR C 221 6.90 -16.57 -13.89
C THR C 221 6.15 -15.87 -15.02
N ASP C 222 6.38 -14.57 -15.20
CA ASP C 222 5.71 -13.86 -16.28
C ASP C 222 6.32 -14.23 -17.63
N ILE C 223 7.63 -14.45 -17.66
CA ILE C 223 8.28 -14.94 -18.88
C ILE C 223 7.65 -16.27 -19.33
N VAL C 224 7.43 -17.19 -18.37
CA VAL C 224 6.86 -18.49 -18.72
C VAL C 224 5.47 -18.35 -19.34
N VAL C 225 4.61 -17.49 -18.77
CA VAL C 225 3.28 -17.29 -19.35
C VAL C 225 3.40 -16.71 -20.75
N GLY C 226 4.24 -15.68 -20.90
CA GLY C 226 4.44 -15.09 -22.21
C GLY C 226 5.08 -16.06 -23.18
N ALA C 227 5.97 -16.92 -22.69
CA ALA C 227 6.60 -17.90 -23.57
C ALA C 227 5.54 -18.78 -24.23
N TRP C 228 4.62 -19.32 -23.42
CA TRP C 228 3.53 -20.14 -23.94
C TRP C 228 2.60 -19.34 -24.86
N LEU C 229 2.35 -18.06 -24.53
CA LEU C 229 1.50 -17.24 -25.40
C LEU C 229 2.20 -16.93 -26.72
N ILE C 230 3.51 -16.63 -26.67
CA ILE C 230 4.29 -16.44 -27.89
C ILE C 230 4.23 -17.70 -28.77
N SER C 231 4.25 -18.87 -28.13
CA SER C 231 4.24 -20.12 -28.89
C SER C 231 2.92 -20.28 -29.66
N VAL C 232 1.79 -20.11 -28.96
CA VAL C 232 0.49 -20.17 -29.63
C VAL C 232 0.41 -19.14 -30.76
N LYS C 233 0.87 -17.91 -30.51
CA LYS C 233 0.82 -16.90 -31.55
C LYS C 233 1.64 -17.31 -32.77
N LYS C 234 2.86 -17.84 -32.55
CA LYS C 234 3.72 -18.25 -33.65
C LYS C 234 3.13 -19.44 -34.39
N VAL C 235 2.61 -20.43 -33.65
CA VAL C 235 2.06 -21.62 -34.27
C VAL C 235 0.78 -21.29 -35.02
N PHE C 236 -0.13 -20.55 -34.39
CA PHE C 236 -1.39 -20.29 -35.07
C PHE C 236 -1.26 -19.21 -36.14
N GLY C 237 -0.44 -18.19 -35.92
CA GLY C 237 -0.38 -17.07 -36.83
C GLY C 237 -0.94 -15.81 -36.20
N SER C 238 -0.24 -14.69 -36.35
CA SER C 238 -0.63 -13.47 -35.65
C SER C 238 -2.01 -12.98 -36.08
N ASP C 239 -2.53 -13.46 -37.21
CA ASP C 239 -3.87 -13.11 -37.68
C ASP C 239 -4.83 -14.28 -37.68
N HIS C 240 -4.47 -15.40 -37.07
CA HIS C 240 -5.39 -16.52 -37.01
C HIS C 240 -6.61 -16.13 -36.17
N PRO C 241 -7.82 -16.45 -36.62
CA PRO C 241 -9.02 -16.05 -35.87
C PRO C 241 -9.03 -16.53 -34.42
N GLU C 242 -8.42 -17.67 -34.11
CA GLU C 242 -8.42 -18.15 -32.73
C GLU C 242 -7.38 -17.44 -31.89
N TRP C 243 -6.27 -16.99 -32.49
CA TRP C 243 -5.33 -16.18 -31.72
C TRP C 243 -5.87 -14.78 -31.49
N LEU C 244 -6.60 -14.23 -32.48
CA LEU C 244 -7.20 -12.93 -32.30
C LEU C 244 -8.12 -12.90 -31.09
N GLN C 245 -8.88 -13.98 -30.87
CA GLN C 245 -9.72 -14.06 -29.67
C GLN C 245 -8.88 -14.04 -28.40
N VAL C 246 -7.80 -14.81 -28.38
CA VAL C 246 -6.92 -14.88 -27.21
C VAL C 246 -6.47 -13.49 -26.79
N GLU C 247 -6.21 -12.61 -27.77
CA GLU C 247 -5.81 -11.23 -27.51
C GLU C 247 -6.88 -10.43 -26.79
N LYS C 248 -8.12 -10.93 -26.74
CA LYS C 248 -9.20 -10.22 -26.08
C LYS C 248 -9.62 -10.85 -24.76
N TRP C 249 -9.24 -12.10 -24.52
CA TRP C 249 -9.61 -12.76 -23.27
C TRP C 249 -9.16 -11.93 -22.08
N ASP C 250 -10.02 -11.88 -21.06
CA ASP C 250 -9.69 -11.26 -19.77
C ASP C 250 -9.14 -9.85 -19.96
N GLY C 251 -9.91 -9.02 -20.66
CA GLY C 251 -9.58 -7.62 -20.77
C GLY C 251 -8.31 -7.32 -21.54
N GLY C 252 -7.86 -8.25 -22.37
CA GLY C 252 -6.64 -8.00 -23.12
C GLY C 252 -5.36 -8.17 -22.34
N ARG C 253 -5.43 -8.81 -21.16
CA ARG C 253 -4.21 -8.97 -20.36
C ARG C 253 -3.16 -9.76 -21.11
N TRP C 254 -3.56 -10.85 -21.76
CA TRP C 254 -2.59 -11.68 -22.44
C TRP C 254 -1.99 -10.96 -23.65
N SER C 255 -2.81 -10.16 -24.33
CA SER C 255 -2.27 -9.33 -25.41
C SER C 255 -1.20 -8.39 -24.89
N ARG C 256 -1.44 -7.76 -23.73
CA ARG C 256 -0.47 -6.83 -23.16
C ARG C 256 0.82 -7.56 -22.75
N LEU C 257 0.70 -8.78 -22.21
CA LEU C 257 1.91 -9.53 -21.84
C LEU C 257 2.72 -9.91 -23.08
N VAL C 258 2.05 -10.28 -24.17
CA VAL C 258 2.74 -10.62 -25.40
C VAL C 258 3.52 -9.42 -25.93
N GLN C 259 2.92 -8.23 -25.85
CA GLN C 259 3.64 -7.04 -26.32
C GLN C 259 4.82 -6.73 -25.40
N VAL C 260 4.73 -7.06 -24.12
CA VAL C 260 5.88 -6.84 -23.24
C VAL C 260 7.04 -7.76 -23.65
N VAL C 261 6.78 -9.06 -23.83
CA VAL C 261 7.89 -9.96 -24.10
C VAL C 261 8.43 -9.77 -25.52
N GLU C 262 7.59 -9.37 -26.48
CA GLU C 262 8.06 -9.06 -27.82
C GLU C 262 8.99 -7.85 -27.87
N ASN C 263 8.94 -6.96 -26.87
CA ASN C 263 9.76 -5.76 -26.86
C ASN C 263 11.00 -5.87 -25.97
N PHE C 264 11.33 -7.07 -25.47
CA PHE C 264 12.58 -7.28 -24.73
C PHE C 264 13.82 -6.87 -25.53
N ILE D 10 -4.49 -2.54 24.01
CA ILE D 10 -5.28 -2.91 22.84
C ILE D 10 -6.42 -3.84 23.24
N GLN D 11 -7.65 -3.44 22.88
CA GLN D 11 -8.84 -4.21 23.19
C GLN D 11 -8.79 -5.57 22.50
N GLN D 12 -9.46 -6.56 23.10
CA GLN D 12 -9.49 -7.92 22.57
C GLN D 12 -10.27 -8.00 21.27
N ILE D 13 -9.65 -8.59 20.25
CA ILE D 13 -10.37 -8.88 19.02
C ILE D 13 -11.35 -10.03 19.26
N HIS D 14 -12.54 -9.91 18.69
CA HIS D 14 -13.57 -10.94 18.79
C HIS D 14 -13.37 -11.92 17.65
N PHE D 15 -12.94 -13.14 17.98
CA PHE D 15 -12.66 -14.18 16.99
C PHE D 15 -13.80 -15.19 16.99
N TYR D 16 -14.43 -15.39 15.84
CA TYR D 16 -15.55 -16.31 15.69
C TYR D 16 -15.03 -17.66 15.18
N ASP D 17 -15.15 -18.68 16.03
CA ASP D 17 -14.64 -20.03 15.81
C ASP D 17 -15.80 -21.03 15.92
N ILE D 18 -15.56 -22.25 15.46
CA ILE D 18 -16.55 -23.33 15.49
C ILE D 18 -16.12 -24.33 16.56
N PRO D 19 -17.00 -24.69 17.50
CA PRO D 19 -16.60 -25.64 18.55
C PRO D 19 -16.81 -27.10 18.17
N ARG D 20 -16.05 -27.96 18.83
CA ARG D 20 -16.42 -29.35 18.96
C ARG D 20 -16.81 -29.61 20.41
N ASN D 21 -17.38 -30.79 20.65
CA ASN D 21 -17.84 -31.22 21.97
C ASN D 21 -16.64 -31.67 22.80
N ARG D 22 -15.82 -30.71 23.19
CA ARG D 22 -14.83 -30.89 24.26
C ARG D 22 -14.88 -29.67 25.16
N ASP D 23 -14.19 -29.77 26.31
CA ASP D 23 -13.97 -28.60 27.16
C ASP D 23 -13.26 -27.50 26.35
N GLU D 24 -13.22 -26.31 26.92
CA GLU D 24 -12.77 -25.15 26.16
C GLU D 24 -11.29 -25.23 25.79
N ASP D 25 -10.47 -25.88 26.62
CA ASP D 25 -9.04 -25.95 26.34
C ASP D 25 -8.72 -26.81 25.11
N ASP D 26 -9.65 -27.63 24.65
CA ASP D 26 -9.46 -28.49 23.50
C ASP D 26 -10.59 -28.33 22.49
N ARG D 27 -11.25 -27.18 22.49
CA ARG D 27 -12.47 -26.97 21.74
C ARG D 27 -12.20 -26.59 20.28
N THR D 28 -11.04 -26.03 20.00
CA THR D 28 -10.73 -25.55 18.66
C THR D 28 -10.23 -26.72 17.79
N TRP D 29 -10.58 -26.69 16.50
CA TRP D 29 -10.26 -27.82 15.63
C TRP D 29 -10.30 -27.48 14.15
N ASN D 30 -11.05 -26.46 13.76
CA ASN D 30 -11.41 -26.26 12.36
C ASN D 30 -10.23 -25.69 11.57
N PRO D 31 -9.91 -26.25 10.39
CA PRO D 31 -8.73 -25.78 9.64
C PRO D 31 -8.89 -24.37 9.08
N ASN D 32 -10.08 -24.02 8.61
CA ASN D 32 -10.27 -22.67 8.08
C ASN D 32 -10.21 -21.62 9.21
N THR D 33 -10.85 -21.88 10.36
CA THR D 33 -10.77 -20.89 11.42
C THR D 33 -9.37 -20.82 12.03
N SER D 34 -8.62 -21.93 11.96
CA SER D 34 -7.26 -21.97 12.48
C SER D 34 -6.30 -21.09 11.70
N LYS D 35 -6.63 -20.76 10.45
CA LYS D 35 -5.80 -19.83 9.71
C LYS D 35 -5.80 -18.47 10.38
N THR D 36 -6.98 -18.02 10.82
CA THR D 36 -7.06 -16.74 11.52
C THR D 36 -6.53 -16.86 12.95
N ARG D 37 -6.89 -17.93 13.66
CA ARG D 37 -6.33 -18.12 14.99
C ARG D 37 -4.81 -18.04 14.98
N LEU D 38 -4.18 -18.76 14.04
CA LEU D 38 -2.72 -18.73 13.91
C LEU D 38 -2.20 -17.37 13.46
N THR D 39 -2.97 -16.64 12.65
CA THR D 39 -2.53 -15.30 12.29
C THR D 39 -2.52 -14.39 13.51
N LEU D 40 -3.53 -14.53 14.39
CA LEU D 40 -3.62 -13.68 15.57
C LEU D 40 -2.47 -13.97 16.54
N THR D 41 -2.25 -15.25 16.86
CA THR D 41 -1.19 -15.60 17.80
C THR D 41 0.20 -15.31 17.22
N TYR D 42 0.40 -15.50 15.92
CA TYR D 42 1.68 -15.12 15.33
C TYR D 42 1.94 -13.62 15.47
N LYS D 43 0.92 -12.81 15.24
CA LYS D 43 1.05 -11.37 15.41
C LYS D 43 0.97 -10.95 16.87
N ARG D 44 0.71 -11.89 17.80
CA ARG D 44 0.66 -11.64 19.24
C ARG D 44 -0.40 -10.61 19.60
N LEU D 45 -1.51 -10.69 18.95
CA LEU D 45 -2.65 -9.83 19.16
C LEU D 45 -3.62 -10.47 20.13
N PRO D 46 -4.17 -9.71 21.08
CA PRO D 46 -5.16 -10.28 21.99
C PRO D 46 -6.47 -10.57 21.28
N TYR D 47 -7.13 -11.62 21.72
CA TYR D 47 -8.44 -11.93 21.17
C TYR D 47 -9.18 -12.78 22.17
N LYS D 48 -10.51 -12.84 21.99
CA LYS D 48 -11.38 -13.74 22.71
C LYS D 48 -12.21 -14.51 21.69
N THR D 49 -12.60 -15.73 22.04
CA THR D 49 -13.30 -16.61 21.11
C THR D 49 -14.80 -16.66 21.40
N ILE D 50 -15.61 -16.40 20.37
CA ILE D 50 -17.04 -16.66 20.41
C ILE D 50 -17.34 -17.92 19.60
N TRP D 51 -18.05 -18.86 20.19
CA TRP D 51 -18.25 -20.17 19.58
C TRP D 51 -19.59 -20.21 18.86
N VAL D 52 -19.56 -20.60 17.58
CA VAL D 52 -20.79 -20.63 16.78
C VAL D 52 -20.93 -22.00 16.11
N GLU D 53 -22.07 -22.64 16.34
CA GLU D 53 -22.38 -23.89 15.68
C GLU D 53 -22.60 -23.65 14.18
N TYR D 54 -22.20 -24.63 13.37
CA TYR D 54 -22.43 -24.57 11.92
C TYR D 54 -23.78 -24.02 11.54
N PRO D 55 -24.92 -24.51 12.06
CA PRO D 55 -26.21 -24.03 11.55
C PRO D 55 -26.54 -22.61 11.96
N ASP D 56 -25.82 -22.02 12.92
CA ASP D 56 -26.07 -20.65 13.35
C ASP D 56 -25.10 -19.65 12.76
N ILE D 57 -24.18 -20.09 11.88
CA ILE D 57 -23.16 -19.18 11.37
C ILE D 57 -23.77 -18.12 10.48
N GLU D 58 -24.77 -18.48 9.68
CA GLU D 58 -25.37 -17.49 8.80
C GLU D 58 -26.07 -16.39 9.59
N ARG D 59 -26.69 -16.72 10.73
CA ARG D 59 -27.44 -15.74 11.50
C ARG D 59 -26.54 -14.85 12.35
N VAL D 60 -25.52 -15.42 12.99
CA VAL D 60 -24.57 -14.62 13.73
C VAL D 60 -23.83 -13.66 12.79
N CYS D 61 -23.48 -14.12 11.60
CA CYS D 61 -22.86 -13.24 10.62
C CYS D 61 -23.77 -12.07 10.26
N LYS D 62 -25.06 -12.37 10.02
CA LYS D 62 -25.97 -11.30 9.65
C LYS D 62 -26.15 -10.32 10.80
N GLU D 63 -26.13 -10.83 12.04
CA GLU D 63 -26.35 -9.98 13.21
C GLU D 63 -25.21 -9.02 13.46
N ILE D 64 -23.99 -9.37 13.08
CA ILE D 64 -22.84 -8.53 13.37
C ILE D 64 -22.32 -7.79 12.16
N GLY D 65 -22.97 -7.92 11.01
CA GLY D 65 -22.54 -7.20 9.83
C GLY D 65 -21.42 -7.86 9.05
N ALA D 66 -21.31 -9.18 9.13
CA ALA D 66 -20.21 -9.88 8.49
C ALA D 66 -20.59 -10.23 7.05
N GLU D 67 -19.71 -9.92 6.12
CA GLU D 67 -19.95 -10.26 4.74
C GLU D 67 -19.89 -11.78 4.54
N PRO D 68 -20.61 -12.31 3.56
CA PRO D 68 -20.31 -13.66 3.08
C PRO D 68 -18.90 -13.72 2.52
N SER D 69 -18.38 -14.95 2.41
CA SER D 69 -17.05 -15.18 1.85
C SER D 69 -17.08 -15.74 0.43
N ALA D 70 -18.22 -16.26 -0.03
CA ALA D 70 -18.36 -16.76 -1.39
C ALA D 70 -19.86 -16.85 -1.71
N PHE D 71 -20.18 -17.26 -2.94
CA PHE D 71 -21.56 -17.32 -3.39
C PHE D 71 -21.86 -18.68 -4.01
N GLY D 72 -23.00 -19.26 -3.63
CA GLY D 72 -23.46 -20.49 -4.23
C GLY D 72 -22.71 -21.75 -3.85
N LEU D 73 -21.90 -21.72 -2.78
CA LEU D 73 -21.06 -22.87 -2.46
C LEU D 73 -21.87 -24.05 -1.94
N LEU D 74 -23.02 -23.79 -1.30
CA LEU D 74 -23.83 -24.88 -0.77
C LEU D 74 -25.19 -24.98 -1.43
N LYS D 75 -25.94 -23.88 -1.57
CA LYS D 75 -27.15 -23.87 -2.38
C LYS D 75 -27.02 -22.86 -3.52
N GLU D 76 -27.23 -23.35 -4.74
CA GLU D 76 -27.09 -22.66 -6.02
C GLU D 76 -27.01 -21.13 -5.96
N GLY D 77 -28.08 -20.48 -5.53
CA GLY D 77 -28.13 -19.03 -5.59
C GLY D 77 -28.14 -18.31 -4.25
N LYS D 78 -27.66 -18.98 -3.19
CA LYS D 78 -27.60 -18.29 -1.91
C LYS D 78 -26.16 -17.90 -1.56
N PRO D 79 -25.98 -16.78 -0.86
CA PRO D 79 -24.64 -16.44 -0.38
C PRO D 79 -24.16 -17.47 0.63
N TYR D 80 -22.84 -17.60 0.71
CA TYR D 80 -22.16 -18.53 1.61
C TYR D 80 -21.54 -17.73 2.76
N TYR D 81 -22.17 -17.79 3.94
CA TYR D 81 -21.62 -17.18 5.15
C TYR D 81 -20.78 -18.20 5.90
N SER D 82 -19.58 -17.78 6.30
CA SER D 82 -18.62 -18.73 6.83
C SER D 82 -17.77 -18.09 7.92
N LEU D 83 -17.25 -18.95 8.79
CA LEU D 83 -16.19 -18.59 9.73
C LEU D 83 -14.82 -19.02 9.14
N PRO D 84 -13.73 -18.32 9.50
CA PRO D 84 -13.59 -17.25 10.49
C PRO D 84 -14.17 -15.89 10.12
N VAL D 85 -14.61 -15.22 11.17
CA VAL D 85 -14.92 -13.79 11.17
C VAL D 85 -14.21 -13.21 12.38
N ILE D 86 -13.62 -12.02 12.22
CA ILE D 86 -13.25 -11.23 13.39
C ILE D 86 -14.03 -9.92 13.37
N HIS D 87 -14.33 -9.44 14.57
CA HIS D 87 -14.74 -8.06 14.80
C HIS D 87 -13.67 -7.42 15.69
N ASP D 88 -13.08 -6.34 15.19
CA ASP D 88 -12.08 -5.59 15.92
C ASP D 88 -12.76 -4.41 16.59
N PRO D 89 -13.08 -4.48 17.90
CA PRO D 89 -13.73 -3.32 18.54
C PRO D 89 -12.83 -2.11 18.62
N ASN D 90 -11.53 -2.25 18.34
CA ASN D 90 -10.66 -1.08 18.34
C ASN D 90 -10.95 -0.17 17.17
N THR D 91 -11.57 -0.69 16.12
CA THR D 91 -11.95 0.09 14.95
C THR D 91 -13.41 -0.08 14.60
N GLY D 92 -14.13 -0.99 15.25
CA GLY D 92 -15.50 -1.25 14.84
C GLY D 92 -15.64 -1.93 13.51
N THR D 93 -14.58 -2.58 13.03
CA THR D 93 -14.61 -3.28 11.75
C THR D 93 -14.90 -4.76 11.94
N THR D 94 -15.75 -5.29 11.08
CA THR D 94 -16.01 -6.72 10.97
C THR D 94 -15.45 -7.23 9.64
N ILE D 95 -14.68 -8.32 9.69
CA ILE D 95 -14.02 -8.87 8.50
C ILE D 95 -14.24 -10.37 8.49
N SER D 96 -14.72 -10.88 7.35
CA SER D 96 -14.87 -12.31 7.13
C SER D 96 -13.88 -12.75 6.05
N ASP D 97 -13.64 -14.07 6.02
CA ASP D 97 -12.72 -14.76 5.11
C ASP D 97 -11.29 -14.62 5.59
N SER D 98 -10.66 -15.76 5.87
CA SER D 98 -9.33 -15.80 6.46
C SER D 98 -8.34 -14.90 5.74
N ILE D 99 -8.36 -14.90 4.40
CA ILE D 99 -7.39 -14.08 3.68
C ILE D 99 -7.68 -12.59 3.87
N ARG D 100 -8.94 -12.19 3.86
CA ARG D 100 -9.26 -10.78 4.08
C ARG D 100 -8.94 -10.37 5.52
N ILE D 101 -9.05 -11.30 6.46
CA ILE D 101 -8.68 -11.02 7.84
C ILE D 101 -7.16 -10.82 7.96
N ALA D 102 -6.39 -11.61 7.23
CA ALA D 102 -4.94 -11.40 7.24
C ALA D 102 -4.60 -10.02 6.68
N ARG D 103 -5.18 -9.67 5.52
CA ARG D 103 -5.00 -8.35 4.94
C ARG D 103 -5.34 -7.27 5.96
N TYR D 104 -6.50 -7.38 6.62
CA TYR D 104 -6.90 -6.37 7.60
C TYR D 104 -5.87 -6.23 8.72
N LEU D 105 -5.32 -7.35 9.20
CA LEU D 105 -4.45 -7.31 10.37
C LEU D 105 -3.06 -6.79 10.05
N ASP D 106 -2.49 -7.15 8.90
CA ASP D 106 -1.27 -6.51 8.41
C ASP D 106 -1.42 -5.00 8.41
N LYS D 107 -2.54 -4.50 7.89
CA LYS D 107 -2.65 -3.07 7.62
C LYS D 107 -3.01 -2.31 8.90
N THR D 108 -3.92 -2.84 9.72
CA THR D 108 -4.35 -2.13 10.92
C THR D 108 -3.31 -2.18 12.02
N TYR D 109 -2.48 -3.23 12.05
CA TYR D 109 -1.43 -3.38 13.04
C TYR D 109 -0.09 -3.55 12.31
N PRO D 110 0.43 -2.46 11.73
CA PRO D 110 1.65 -2.59 10.92
C PRO D 110 2.89 -2.91 11.73
N ASP D 111 2.86 -2.72 13.05
CA ASP D 111 4.00 -3.10 13.87
C ASP D 111 4.11 -4.61 14.08
N THR D 112 3.03 -5.36 13.83
CA THR D 112 3.13 -6.82 13.91
C THR D 112 3.71 -7.39 12.61
N PRO D 113 4.32 -8.57 12.68
CA PRO D 113 4.96 -9.17 11.50
C PRO D 113 4.00 -9.34 10.34
N ALA D 114 4.35 -8.74 9.21
CA ALA D 114 3.50 -8.81 8.04
C ALA D 114 3.43 -10.24 7.53
N VAL D 115 2.29 -10.56 6.93
CA VAL D 115 1.88 -11.94 6.70
C VAL D 115 1.51 -12.06 5.21
N ILE D 116 1.04 -10.98 4.63
CA ILE D 116 0.61 -11.00 3.23
C ILE D 116 0.97 -9.69 2.55
N PRO D 117 2.26 -9.36 2.40
CA PRO D 117 2.62 -8.18 1.60
C PRO D 117 2.03 -8.23 0.19
N ALA D 118 2.00 -7.09 -0.50
CA ALA D 118 1.35 -7.03 -1.81
C ALA D 118 2.02 -7.95 -2.81
N GLU D 119 3.32 -8.17 -2.69
CA GLU D 119 4.07 -8.96 -3.65
C GLU D 119 3.79 -10.45 -3.51
N LEU D 120 3.04 -10.85 -2.47
CA LEU D 120 2.64 -12.23 -2.27
C LEU D 120 1.29 -12.56 -2.89
N GLU D 121 0.42 -11.56 -3.09
CA GLU D 121 -1.01 -11.80 -3.30
C GLU D 121 -1.30 -12.70 -4.50
N ALA D 122 -0.60 -12.51 -5.62
CA ALA D 122 -0.90 -13.35 -6.78
C ALA D 122 -0.35 -14.77 -6.58
N PHE D 123 0.87 -14.89 -6.07
CA PHE D 123 1.45 -16.21 -5.84
C PHE D 123 0.65 -17.00 -4.80
N HIS D 124 0.16 -16.31 -3.76
CA HIS D 124 -0.63 -17.01 -2.76
C HIS D 124 -1.96 -17.49 -3.35
N ALA D 125 -2.56 -16.69 -4.24
CA ALA D 125 -3.76 -17.16 -4.92
C ALA D 125 -3.45 -18.31 -5.86
N VAL D 126 -2.27 -18.30 -6.50
CA VAL D 126 -1.83 -19.49 -7.23
C VAL D 126 -1.78 -20.68 -6.29
N PHE D 127 -1.19 -20.49 -5.10
CA PHE D 127 -1.00 -21.59 -4.17
C PHE D 127 -2.33 -22.17 -3.71
N GLU D 128 -3.32 -21.31 -3.47
CA GLU D 128 -4.59 -21.84 -2.96
C GLU D 128 -5.27 -22.74 -3.98
N ASP D 129 -5.14 -22.43 -5.28
CA ASP D 129 -5.72 -23.32 -6.28
C ASP D 129 -4.89 -24.59 -6.41
N ALA D 130 -3.57 -24.46 -6.36
CA ALA D 130 -2.68 -25.62 -6.28
C ALA D 130 -2.99 -26.46 -5.04
N PHE D 131 -3.17 -25.81 -3.89
CA PHE D 131 -3.38 -26.53 -2.64
C PHE D 131 -4.74 -27.22 -2.61
N TRP D 132 -5.77 -26.60 -3.22
CA TRP D 132 -7.07 -27.26 -3.31
C TRP D 132 -6.92 -28.65 -3.94
N ASP D 133 -6.21 -28.73 -5.07
CA ASP D 133 -6.14 -29.99 -5.82
C ASP D 133 -5.25 -31.02 -5.13
N THR D 134 -4.05 -30.64 -4.72
CA THR D 134 -3.09 -31.66 -4.25
C THR D 134 -3.16 -31.94 -2.76
N ILE D 135 -3.73 -31.06 -1.93
CA ILE D 135 -3.86 -31.32 -0.49
C ILE D 135 -5.33 -31.46 -0.08
N PHE D 136 -6.15 -30.46 -0.41
CA PHE D 136 -7.46 -30.34 0.21
C PHE D 136 -8.38 -31.49 -0.21
N MET D 137 -8.49 -31.73 -1.51
CA MET D 137 -9.31 -32.83 -1.98
C MET D 137 -8.82 -34.19 -1.49
N PRO D 138 -7.52 -34.53 -1.58
CA PRO D 138 -7.06 -35.79 -0.95
C PRO D 138 -7.29 -35.85 0.55
N LEU D 139 -7.21 -34.71 1.24
CA LEU D 139 -7.37 -34.71 2.69
C LEU D 139 -8.83 -34.84 3.12
N PHE D 140 -9.74 -34.23 2.36
CA PHE D 140 -11.16 -34.21 2.71
C PHE D 140 -11.74 -35.54 3.19
N PRO D 141 -11.58 -36.67 2.50
CA PRO D 141 -12.17 -37.92 3.01
C PRO D 141 -11.51 -38.46 4.27
N PHE D 142 -10.39 -37.90 4.71
CA PHE D 142 -9.83 -38.27 6.01
C PHE D 142 -10.30 -37.34 7.12
N LEU D 143 -10.14 -36.03 6.93
CA LEU D 143 -10.42 -35.08 8.01
C LEU D 143 -11.91 -34.98 8.32
N VAL D 144 -12.74 -34.90 7.29
CA VAL D 144 -14.16 -34.60 7.47
C VAL D 144 -14.85 -35.75 8.20
N PRO D 145 -14.67 -37.03 7.84
CA PRO D 145 -15.32 -38.08 8.66
C PRO D 145 -14.76 -38.18 10.08
N ALA D 146 -13.49 -37.90 10.31
CA ALA D 146 -12.98 -37.98 11.68
C ALA D 146 -13.54 -36.85 12.55
N ALA D 147 -13.73 -35.67 11.97
CA ALA D 147 -14.21 -34.52 12.74
C ALA D 147 -15.70 -34.57 12.99
N CYS D 148 -16.47 -35.10 12.05
CA CYS D 148 -17.94 -34.99 12.10
C CYS D 148 -18.54 -35.46 13.41
N PRO D 149 -18.28 -36.66 13.92
CA PRO D 149 -18.87 -37.06 15.20
C PRO D 149 -18.24 -36.38 16.41
N GLN D 150 -17.23 -35.53 16.24
CA GLN D 150 -16.74 -34.76 17.38
C GLN D 150 -17.54 -33.47 17.60
N LEU D 151 -18.45 -33.14 16.69
CA LEU D 151 -19.19 -31.90 16.77
C LEU D 151 -20.37 -32.03 17.73
N ASN D 152 -20.82 -30.90 18.27
CA ASN D 152 -22.06 -30.89 19.02
C ASN D 152 -23.19 -31.32 18.10
N PRO D 153 -24.27 -31.90 18.66
CA PRO D 153 -25.24 -32.61 17.80
C PRO D 153 -25.81 -31.76 16.68
N ARG D 154 -26.19 -30.52 16.95
CA ARG D 154 -26.75 -29.66 15.90
C ARG D 154 -25.73 -29.36 14.81
N SER D 155 -24.44 -29.30 15.16
CA SER D 155 -23.42 -29.11 14.13
C SER D 155 -23.14 -30.40 13.37
N GLU D 156 -23.06 -31.53 14.10
CA GLU D 156 -22.89 -32.85 13.49
C GLU D 156 -23.86 -33.07 12.35
N ALA D 157 -25.16 -32.87 12.61
CA ALA D 157 -26.16 -33.12 11.58
C ALA D 157 -25.98 -32.18 10.39
N TYR D 158 -25.85 -30.88 10.65
CA TYR D 158 -25.62 -29.94 9.56
C TYR D 158 -24.34 -30.29 8.78
N PHE D 159 -23.26 -30.58 9.50
CA PHE D 159 -21.98 -30.90 8.85
C PHE D 159 -22.12 -32.13 7.99
N ARG D 160 -22.69 -33.21 8.55
CA ARG D 160 -22.89 -34.44 7.79
C ARG D 160 -23.71 -34.19 6.53
N GLU D 161 -24.86 -33.52 6.67
CA GLU D 161 -25.79 -33.42 5.55
C GLU D 161 -25.21 -32.61 4.41
N THR D 162 -24.61 -31.46 4.73
CA THR D 162 -24.11 -30.57 3.68
C THR D 162 -22.85 -31.14 3.02
N ARG D 163 -21.94 -31.71 3.80
CA ARG D 163 -20.69 -32.18 3.18
C ARG D 163 -20.95 -33.44 2.35
N GLU D 164 -21.78 -34.36 2.85
CA GLU D 164 -22.21 -35.49 2.03
C GLU D 164 -22.96 -35.02 0.79
N GLY D 165 -23.89 -34.08 0.97
CA GLY D 165 -24.64 -33.59 -0.17
C GLY D 165 -23.79 -32.86 -1.20
N LYS D 166 -22.63 -32.35 -0.81
CA LYS D 166 -21.80 -31.61 -1.75
C LYS D 166 -20.67 -32.44 -2.33
N PHE D 167 -19.97 -33.23 -1.53
CA PHE D 167 -18.84 -34.01 -1.99
C PHE D 167 -19.10 -35.51 -2.01
N GLY D 168 -20.19 -35.97 -1.39
CA GLY D 168 -20.40 -37.40 -1.26
C GLY D 168 -20.42 -38.15 -2.58
N SER D 169 -20.94 -37.51 -3.63
CA SER D 169 -21.22 -38.25 -4.85
C SER D 169 -19.95 -38.66 -5.61
N ILE D 170 -18.82 -38.00 -5.36
CA ILE D 170 -17.56 -38.37 -5.99
C ILE D 170 -16.61 -39.05 -5.02
N LEU D 171 -17.08 -39.34 -3.80
CA LEU D 171 -16.30 -40.01 -2.78
C LEU D 171 -16.94 -41.30 -2.29
N GLY D 172 -17.99 -41.78 -2.95
CA GLY D 172 -18.63 -43.04 -2.60
C GLY D 172 -19.96 -42.95 -1.87
N GLY D 173 -20.45 -41.74 -1.57
CA GLY D 173 -21.74 -41.64 -0.91
C GLY D 173 -21.67 -41.06 0.49
N LYS D 174 -22.07 -41.84 1.48
CA LYS D 174 -21.97 -41.40 2.86
C LYS D 174 -20.54 -41.54 3.36
N MET D 175 -20.22 -40.78 4.41
CA MET D 175 -18.84 -40.68 4.91
C MET D 175 -18.25 -42.03 5.28
N GLU D 176 -19.09 -42.96 5.75
CA GLU D 176 -18.63 -44.33 6.03
C GLU D 176 -17.98 -44.97 4.81
N ASN D 177 -18.36 -44.57 3.60
CA ASN D 177 -17.84 -45.14 2.36
C ASN D 177 -16.68 -44.35 1.76
N TRP D 178 -16.29 -43.23 2.38
CA TRP D 178 -15.28 -42.37 1.75
C TRP D 178 -13.89 -43.01 1.84
N ALA D 179 -13.46 -43.38 3.04
CA ALA D 179 -12.16 -44.02 3.25
C ALA D 179 -12.25 -45.12 4.30
N PRO D 180 -13.09 -46.13 4.07
CA PRO D 180 -13.24 -47.18 5.10
C PRO D 180 -11.96 -47.99 5.20
N THR D 181 -11.66 -48.43 6.43
CA THR D 181 -10.47 -49.24 6.66
C THR D 181 -10.41 -50.42 5.70
N GLY D 182 -9.25 -50.60 5.08
CA GLY D 182 -9.09 -51.54 3.99
C GLY D 182 -8.40 -50.89 2.80
N PRO D 183 -8.61 -51.47 1.61
CA PRO D 183 -7.91 -50.96 0.41
C PRO D 183 -8.36 -49.60 -0.05
N VAL D 184 -9.64 -49.23 0.13
CA VAL D 184 -10.06 -47.87 -0.23
C VAL D 184 -9.32 -46.86 0.61
N ARG D 185 -9.24 -47.09 1.92
CA ARG D 185 -8.52 -46.15 2.79
C ARG D 185 -7.05 -46.12 2.43
N ASP D 186 -6.44 -47.30 2.20
CA ASP D 186 -5.04 -47.33 1.78
C ASP D 186 -4.82 -46.60 0.45
N ASP D 187 -5.72 -46.80 -0.53
CA ASP D 187 -5.53 -46.11 -1.80
C ASP D 187 -5.64 -44.58 -1.64
N ARG D 188 -6.63 -44.09 -0.88
CA ARG D 188 -6.70 -42.65 -0.63
C ARG D 188 -5.55 -42.15 0.24
N TRP D 189 -5.06 -42.98 1.17
CA TRP D 189 -3.91 -42.56 1.96
C TRP D 189 -2.70 -42.29 1.06
N LYS D 190 -2.55 -43.09 0.01
CA LYS D 190 -1.42 -42.93 -0.91
C LYS D 190 -1.49 -41.61 -1.67
N ALA D 191 -2.68 -41.20 -2.09
CA ALA D 191 -2.79 -39.93 -2.80
C ALA D 191 -2.63 -38.74 -1.85
N LEU D 192 -3.12 -38.85 -0.61
CA LEU D 192 -2.84 -37.77 0.35
C LEU D 192 -1.34 -37.63 0.53
N GLN D 193 -0.67 -38.71 0.91
CA GLN D 193 0.77 -38.68 1.12
C GLN D 193 1.52 -38.23 -0.14
N ALA D 194 1.01 -38.54 -1.34
CA ALA D 194 1.65 -38.05 -2.56
C ALA D 194 1.44 -36.55 -2.75
N GLY D 195 0.28 -36.02 -2.36
CA GLY D 195 0.09 -34.59 -2.40
C GLY D 195 1.09 -33.85 -1.52
N PHE D 196 1.32 -34.37 -0.32
CA PHE D 196 2.23 -33.70 0.60
C PHE D 196 3.67 -33.78 0.12
N THR D 197 4.05 -34.88 -0.54
CA THR D 197 5.38 -34.96 -1.16
C THR D 197 5.50 -33.95 -2.29
N LYS D 198 4.47 -33.87 -3.16
CA LYS D 198 4.48 -32.83 -4.19
C LYS D 198 4.69 -31.45 -3.56
N MET D 199 3.89 -31.12 -2.54
CA MET D 199 4.03 -29.82 -1.90
C MET D 199 5.44 -29.61 -1.37
N ALA D 200 6.00 -30.62 -0.70
CA ALA D 200 7.38 -30.51 -0.25
C ALA D 200 8.33 -30.30 -1.43
N GLY D 201 8.02 -30.89 -2.60
CA GLY D 201 8.83 -30.61 -3.78
C GLY D 201 8.88 -29.13 -4.13
N TRP D 202 7.75 -28.44 -4.02
CA TRP D 202 7.73 -26.98 -4.16
C TRP D 202 8.76 -26.29 -3.26
N LEU D 203 8.85 -26.73 -2.01
CA LEU D 203 9.75 -26.07 -1.06
C LEU D 203 11.21 -26.45 -1.26
N SER D 204 11.49 -27.60 -1.87
CA SER D 204 12.85 -27.98 -2.22
C SER D 204 13.17 -27.72 -3.68
N ALA D 205 12.40 -26.86 -4.34
CA ALA D 205 12.55 -26.71 -5.79
C ALA D 205 13.93 -26.21 -6.20
N ASP D 206 14.63 -25.51 -5.32
CA ASP D 206 15.96 -24.99 -5.61
C ASP D 206 17.06 -25.92 -5.16
N GLY D 207 16.72 -27.14 -4.74
CA GLY D 207 17.70 -28.06 -4.21
C GLY D 207 18.04 -27.85 -2.76
N GLN D 208 17.51 -26.83 -2.12
CA GLN D 208 17.74 -26.58 -0.71
C GLN D 208 16.51 -27.01 0.08
N GLU D 209 16.55 -26.86 1.41
CA GLU D 209 15.44 -27.25 2.27
C GLU D 209 15.00 -26.03 3.08
N ARG D 210 14.47 -25.04 2.39
CA ARG D 210 14.00 -23.85 3.06
C ARG D 210 12.89 -24.23 4.06
N PRO D 211 12.83 -23.56 5.23
CA PRO D 211 11.76 -23.85 6.19
C PRO D 211 10.42 -23.26 5.81
N PHE D 212 10.40 -22.16 5.05
CA PHE D 212 9.15 -21.54 4.68
C PHE D 212 9.20 -21.19 3.20
N PHE D 213 8.02 -20.97 2.62
CA PHE D 213 7.92 -20.71 1.18
C PHE D 213 8.85 -19.60 0.72
N MET D 214 8.94 -18.51 1.48
CA MET D 214 9.79 -17.39 1.10
C MET D 214 11.26 -17.64 1.38
N GLY D 215 11.59 -18.66 2.15
CA GLY D 215 12.92 -18.79 2.69
C GLY D 215 12.90 -18.84 4.22
N GLU D 216 13.64 -17.94 4.85
CA GLU D 216 13.77 -17.94 6.30
C GLU D 216 12.63 -17.21 7.01
N LYS D 217 11.88 -16.38 6.31
CA LYS D 217 10.80 -15.61 6.92
C LYS D 217 9.46 -16.25 6.55
N LEU D 218 8.64 -16.47 7.55
CA LEU D 218 7.33 -17.07 7.38
C LEU D 218 6.35 -16.04 6.82
N CYS D 219 5.28 -16.53 6.24
CA CYS D 219 4.29 -15.70 5.59
C CYS D 219 2.96 -16.43 5.66
N TYR D 220 1.91 -15.82 5.09
CA TYR D 220 0.56 -16.36 5.24
C TYR D 220 0.41 -17.75 4.62
N THR D 221 1.09 -18.04 3.51
CA THR D 221 0.85 -19.36 2.92
C THR D 221 1.44 -20.48 3.79
N ASP D 222 2.49 -20.20 4.58
CA ASP D 222 2.95 -21.18 5.58
C ASP D 222 1.91 -21.38 6.67
N ILE D 223 1.18 -20.33 7.01
CA ILE D 223 0.15 -20.43 8.03
C ILE D 223 -1.01 -21.30 7.54
N VAL D 224 -1.37 -21.15 6.27
CA VAL D 224 -2.41 -22.00 5.67
C VAL D 224 -2.04 -23.47 5.80
N VAL D 225 -0.83 -23.83 5.39
CA VAL D 225 -0.43 -25.24 5.50
C VAL D 225 -0.42 -25.66 6.96
N GLY D 226 0.10 -24.81 7.84
CA GLY D 226 0.13 -25.12 9.26
C GLY D 226 -1.24 -25.24 9.87
N ALA D 227 -2.19 -24.40 9.44
CA ALA D 227 -3.56 -24.52 9.95
C ALA D 227 -4.16 -25.88 9.59
N TRP D 228 -3.96 -26.34 8.34
CA TRP D 228 -4.56 -27.60 7.95
C TRP D 228 -3.90 -28.76 8.68
N LEU D 229 -2.58 -28.70 8.89
CA LEU D 229 -1.94 -29.76 9.66
C LEU D 229 -2.44 -29.78 11.09
N ILE D 230 -2.58 -28.62 11.71
CA ILE D 230 -2.99 -28.54 13.12
C ILE D 230 -4.40 -29.08 13.29
N SER D 231 -5.29 -28.78 12.36
CA SER D 231 -6.62 -29.39 12.38
C SER D 231 -6.53 -30.91 12.43
N VAL D 232 -5.74 -31.51 11.52
CA VAL D 232 -5.65 -32.97 11.46
C VAL D 232 -5.15 -33.53 12.78
N LYS D 233 -4.04 -32.99 13.28
CA LYS D 233 -3.50 -33.50 14.53
C LYS D 233 -4.50 -33.31 15.68
N LYS D 234 -5.23 -32.19 15.69
CA LYS D 234 -6.20 -31.95 16.76
C LYS D 234 -7.41 -32.87 16.64
N VAL D 235 -7.88 -33.13 15.41
CA VAL D 235 -9.02 -34.01 15.22
C VAL D 235 -8.62 -35.46 15.43
N PHE D 236 -7.50 -35.88 14.84
CA PHE D 236 -7.10 -37.27 14.94
C PHE D 236 -6.51 -37.60 16.30
N GLY D 237 -5.86 -36.64 16.97
CA GLY D 237 -5.13 -36.92 18.18
C GLY D 237 -3.64 -37.10 17.94
N SER D 238 -2.82 -36.56 18.84
CA SER D 238 -1.37 -36.53 18.63
C SER D 238 -0.71 -37.88 18.81
N ASP D 239 -1.41 -38.88 19.35
CA ASP D 239 -0.90 -40.24 19.43
C ASP D 239 -1.52 -41.17 18.39
N HIS D 240 -2.41 -40.67 17.54
CA HIS D 240 -3.08 -41.53 16.54
C HIS D 240 -2.06 -42.10 15.57
N PRO D 241 -2.12 -43.40 15.27
CA PRO D 241 -1.11 -43.98 14.36
C PRO D 241 -1.04 -43.30 13.02
N GLU D 242 -2.16 -42.78 12.49
CA GLU D 242 -2.09 -42.09 11.21
C GLU D 242 -1.47 -40.70 11.35
N TRP D 243 -1.72 -39.99 12.47
CA TRP D 243 -0.99 -38.73 12.68
C TRP D 243 0.49 -38.98 12.87
N LEU D 244 0.85 -40.00 13.65
CA LEU D 244 2.26 -40.35 13.79
C LEU D 244 2.90 -40.66 12.43
N GLN D 245 2.12 -41.19 11.47
CA GLN D 245 2.68 -41.37 10.14
C GLN D 245 3.01 -40.02 9.50
N VAL D 246 2.08 -39.07 9.54
CA VAL D 246 2.31 -37.78 8.88
C VAL D 246 3.57 -37.11 9.43
N GLU D 247 3.83 -37.28 10.73
CA GLU D 247 5.02 -36.70 11.36
C GLU D 247 6.30 -37.19 10.69
N LYS D 248 6.27 -38.34 10.04
CA LYS D 248 7.45 -38.92 9.41
C LYS D 248 7.50 -38.67 7.90
N TRP D 249 6.51 -38.00 7.34
CA TRP D 249 6.48 -37.72 5.90
C TRP D 249 7.50 -36.65 5.53
N ASP D 250 8.01 -36.74 4.31
CA ASP D 250 8.95 -35.78 3.70
C ASP D 250 9.97 -35.22 4.70
N GLY D 251 10.73 -36.13 5.29
CA GLY D 251 11.82 -35.75 6.17
C GLY D 251 11.39 -35.03 7.41
N GLY D 252 10.12 -35.15 7.80
CA GLY D 252 9.63 -34.52 9.00
C GLY D 252 9.30 -33.05 8.84
N ARG D 253 9.27 -32.55 7.60
CA ARG D 253 8.99 -31.15 7.34
C ARG D 253 7.69 -30.70 8.01
N TRP D 254 6.67 -31.56 8.00
CA TRP D 254 5.38 -31.15 8.54
C TRP D 254 5.37 -31.17 10.06
N SER D 255 6.12 -32.07 10.71
CA SER D 255 6.25 -31.98 12.17
C SER D 255 6.88 -30.66 12.55
N ARG D 256 7.96 -30.29 11.87
CA ARG D 256 8.67 -29.06 12.19
C ARG D 256 7.80 -27.84 11.93
N LEU D 257 7.00 -27.84 10.85
CA LEU D 257 6.07 -26.74 10.65
C LEU D 257 5.03 -26.67 11.78
N VAL D 258 4.50 -27.83 12.19
CA VAL D 258 3.56 -27.91 13.30
C VAL D 258 4.17 -27.37 14.58
N GLN D 259 5.43 -27.71 14.85
CA GLN D 259 6.09 -27.20 16.05
C GLN D 259 6.24 -25.69 15.98
N VAL D 260 6.59 -25.15 14.80
CA VAL D 260 6.67 -23.70 14.63
C VAL D 260 5.33 -23.06 15.01
N VAL D 261 4.23 -23.54 14.43
CA VAL D 261 2.97 -22.84 14.65
C VAL D 261 2.42 -23.12 16.04
N GLU D 262 2.72 -24.30 16.61
CA GLU D 262 2.27 -24.59 17.97
C GLU D 262 2.92 -23.67 19.00
N ASN D 263 4.05 -23.04 18.64
CA ASN D 263 4.76 -22.16 19.56
C ASN D 263 4.64 -20.69 19.21
N PHE D 264 3.63 -20.31 18.41
CA PHE D 264 3.34 -18.91 18.13
C PHE D 264 2.97 -18.15 19.41
#